data_1T4C
#
_entry.id   1T4C
#
_cell.length_a   100.163
_cell.length_b   100.163
_cell.length_c   196.872
_cell.angle_alpha   90.00
_cell.angle_beta   90.00
_cell.angle_gamma   90.00
#
_symmetry.space_group_name_H-M   'P 43 21 2'
#
loop_
_entity.id
_entity.type
_entity.pdbx_description
1 polymer 'Formyl-CoA:oxalate CoA-transferase'
2 non-polymer 'COENZYME A'
3 non-polymer 'OXALIC ACID'
4 water water
#
_entity_poly.entity_id   1
_entity_poly.type   'polypeptide(L)'
_entity_poly.pdbx_seq_one_letter_code
;TKPLDGINVLDFTHVQAGPACTQMMGFLGANVIKIERRGSGDMTRGWLQDKPNVDSLYFTMFNCNKRSIELDMKTPEGKE
LLEQMIKKADVMVENFGPGALDRMGFTWEYIQELNPRVILASVKGYAEGHANEHLKVYENVAQCSGGAAATTGFWDGPPT
VSGAALGDSNSGMHLMIGILAALEIRHKTGRGQKVAVAMQDAVLNLVRIKLRDQQRLERTGILAEYPQAQPNFAFDRDGN
PLSFDNITSVPRGGNAGGGGQPGWMLKCKGWETDADSYVYFTIAANMWPQICDMIDKPEWKDDPAYNTFEGRVDKLMDIF
SFIETKFADKDKFEVTEWAAQYGIPCGPVMSMKELAHDPSLQKVGTVVEVVDEIRGNHLTVGAPFKFSGFQPEITRAPLL
GEHTDEVLKELGLDDAKIKELHAKQVV
;
_entity_poly.pdbx_strand_id   A,B
#
# COMPACT_ATOMS: atom_id res chain seq x y z
N THR A 1 -21.35 14.42 8.72
CA THR A 1 -22.30 13.44 8.05
C THR A 1 -21.58 12.66 6.99
N LYS A 2 -20.71 13.32 6.22
CA LYS A 2 -19.92 12.68 5.17
C LYS A 2 -18.80 13.67 4.93
N PRO A 3 -17.57 13.22 5.16
CA PRO A 3 -16.42 14.11 5.21
C PRO A 3 -16.19 14.95 3.98
N LEU A 4 -16.50 14.45 2.80
CA LEU A 4 -16.23 15.26 1.63
C LEU A 4 -17.47 15.75 0.89
N ASP A 5 -18.62 15.73 1.59
CA ASP A 5 -19.83 16.36 1.07
C ASP A 5 -19.45 17.74 0.63
N GLY A 6 -19.89 18.09 -0.55
CA GLY A 6 -19.67 19.43 -1.04
C GLY A 6 -18.30 19.76 -1.58
N ILE A 7 -17.31 18.87 -1.44
CA ILE A 7 -16.04 19.00 -2.17
C ILE A 7 -16.25 18.52 -3.60
N ASN A 8 -16.05 19.41 -4.58
CA ASN A 8 -16.17 18.96 -5.98
C ASN A 8 -14.83 18.74 -6.65
N VAL A 9 -14.76 17.63 -7.33
CA VAL A 9 -13.51 17.16 -7.87
C VAL A 9 -13.66 17.08 -9.36
N LEU A 10 -12.85 17.89 -10.03
CA LEU A 10 -12.64 17.85 -11.46
C LEU A 10 -11.56 16.76 -11.69
N ASP A 11 -12.01 15.60 -12.18
CA ASP A 11 -11.21 14.39 -12.23
C ASP A 11 -10.79 14.13 -13.66
N PHE A 12 -9.52 14.28 -13.97
CA PHE A 12 -9.02 13.98 -15.30
C PHE A 12 -8.48 12.57 -15.41
N THR A 13 -8.52 11.82 -14.34
CA THR A 13 -7.74 10.60 -14.25
C THR A 13 -8.27 9.45 -15.07
N HIS A 14 -7.33 8.60 -15.44
CA HIS A 14 -7.61 7.34 -16.12
C HIS A 14 -6.78 6.16 -15.55
N VAL A 15 -7.19 4.94 -15.91
CA VAL A 15 -6.59 3.67 -15.47
C VAL A 15 -6.87 3.34 -14.02
N GLN A 16 -5.82 3.12 -13.21
CA GLN A 16 -5.97 2.68 -11.80
C GLN A 16 -5.52 3.72 -10.72
N ALA A 17 -4.32 4.28 -10.83
CA ALA A 17 -3.77 5.12 -9.76
C ALA A 17 -4.64 6.32 -9.46
N GLY A 18 -4.89 7.13 -10.48
CA GLY A 18 -5.72 8.33 -10.30
C GLY A 18 -7.19 8.07 -9.99
N PRO A 19 -7.84 7.23 -10.77
CA PRO A 19 -9.22 6.84 -10.48
C PRO A 19 -9.44 6.19 -9.12
N ALA A 20 -8.45 5.45 -8.61
CA ALA A 20 -8.65 4.81 -7.29
C ALA A 20 -8.84 5.87 -6.23
N CYS A 21 -8.04 6.91 -6.37
CA CYS A 21 -8.10 8.04 -5.48
C CYS A 21 -9.43 8.78 -5.57
N THR A 22 -9.90 9.09 -6.78
CA THR A 22 -11.13 9.85 -6.89
C THR A 22 -12.34 9.03 -6.47
N GLN A 23 -12.29 7.74 -6.77
CA GLN A 23 -13.35 6.87 -6.33
C GLN A 23 -13.43 6.94 -4.82
N MET A 24 -12.32 6.80 -4.13
CA MET A 24 -12.40 6.75 -2.65
C MET A 24 -12.86 8.10 -2.07
N MET A 25 -12.52 9.19 -2.72
CA MET A 25 -13.08 10.47 -2.35
C MET A 25 -14.60 10.46 -2.57
N GLY A 26 -15.01 9.91 -3.70
CA GLY A 26 -16.42 9.76 -3.98
C GLY A 26 -17.11 8.97 -2.86
N PHE A 27 -16.51 7.86 -2.44
CA PHE A 27 -17.09 7.06 -1.36
C PHE A 27 -17.25 7.84 -0.02
N LEU A 28 -16.35 8.78 0.26
CA LEU A 28 -16.45 9.68 1.40
C LEU A 28 -17.33 10.94 1.14
N GLY A 29 -18.00 11.01 -0.04
CA GLY A 29 -19.02 12.02 -0.29
C GLY A 29 -18.74 13.15 -1.28
N ALA A 30 -17.53 13.18 -1.84
CA ALA A 30 -17.12 14.19 -2.81
C ALA A 30 -17.98 14.11 -4.06
N ASN A 31 -18.15 15.22 -4.76
CA ASN A 31 -18.83 15.22 -6.08
C ASN A 31 -17.78 15.18 -7.17
N VAL A 32 -17.57 13.98 -7.70
CA VAL A 32 -16.51 13.75 -8.62
C VAL A 32 -17.11 13.82 -10.01
N ILE A 33 -16.60 14.74 -10.82
CA ILE A 33 -16.90 14.83 -12.23
C ILE A 33 -15.71 14.32 -13.00
N LYS A 34 -15.85 13.19 -13.67
CA LYS A 34 -14.76 12.56 -14.41
C LYS A 34 -14.75 13.07 -15.83
N ILE A 35 -13.64 13.65 -16.27
CA ILE A 35 -13.50 14.12 -17.65
C ILE A 35 -12.83 13.06 -18.53
N GLU A 36 -13.52 12.72 -19.61
CA GLU A 36 -13.17 11.62 -20.48
C GLU A 36 -13.02 12.08 -21.96
N ARG A 37 -12.12 11.42 -22.68
CA ARG A 37 -11.87 11.76 -24.08
C ARG A 37 -13.10 11.40 -24.92
N ARG A 38 -13.49 12.26 -25.84
CA ARG A 38 -14.64 11.98 -26.68
C ARG A 38 -14.42 10.68 -27.44
N GLY A 39 -15.37 9.74 -27.36
CA GLY A 39 -15.36 8.58 -28.23
C GLY A 39 -15.02 7.35 -27.46
N SER A 40 -13.84 7.32 -26.85
CA SER A 40 -13.38 6.14 -26.10
C SER A 40 -13.45 6.29 -24.57
N GLY A 41 -13.05 7.46 -24.10
CA GLY A 41 -12.91 7.63 -22.68
C GLY A 41 -11.80 6.81 -22.07
N ASP A 42 -11.88 6.63 -20.76
CA ASP A 42 -10.91 5.89 -19.97
C ASP A 42 -10.72 4.51 -20.56
N MET A 43 -9.48 4.19 -20.92
CA MET A 43 -9.14 2.87 -21.45
C MET A 43 -9.91 1.78 -20.72
N THR A 44 -9.76 1.74 -19.40
CA THR A 44 -10.25 0.59 -18.64
C THR A 44 -11.63 0.10 -19.11
N ARG A 45 -12.39 0.96 -19.79
CA ARG A 45 -13.74 0.64 -20.24
C ARG A 45 -13.73 -0.57 -21.15
N GLY A 46 -12.77 -0.62 -22.09
CA GLY A 46 -12.62 -1.71 -23.06
C GLY A 46 -11.57 -2.77 -22.73
N TRP A 47 -11.04 -2.75 -21.51
CA TRP A 47 -9.98 -3.66 -21.13
C TRP A 47 -10.51 -4.80 -20.25
N LEU A 48 -10.26 -6.04 -20.68
CA LEU A 48 -10.66 -7.25 -19.99
C LEU A 48 -12.15 -7.31 -19.72
N GLN A 49 -12.95 -6.94 -20.71
CA GLN A 49 -14.40 -6.94 -20.57
C GLN A 49 -14.88 -8.33 -20.32
N ASP A 50 -15.99 -8.48 -19.61
CA ASP A 50 -16.53 -9.82 -19.45
C ASP A 50 -17.73 -10.09 -20.39
N LYS A 51 -18.44 -9.05 -20.80
CA LYS A 51 -19.53 -9.08 -21.81
C LYS A 51 -19.12 -8.06 -22.86
N PRO A 52 -19.30 -8.32 -24.13
CA PRO A 52 -18.95 -7.27 -25.11
C PRO A 52 -19.90 -6.01 -25.13
N ASN A 53 -19.27 -4.90 -25.48
CA ASN A 53 -19.89 -3.56 -25.50
C ASN A 53 -20.50 -3.18 -24.12
N VAL A 54 -19.91 -3.78 -23.10
CA VAL A 54 -20.22 -3.45 -21.73
C VAL A 54 -18.96 -3.00 -21.02
N ASP A 55 -19.04 -1.92 -20.28
CA ASP A 55 -17.90 -1.49 -19.48
C ASP A 55 -17.36 -2.62 -18.62
N SER A 56 -16.05 -2.73 -18.62
CA SER A 56 -15.39 -3.81 -17.93
C SER A 56 -15.52 -3.66 -16.40
N LEU A 57 -15.20 -4.72 -15.68
CA LEU A 57 -15.14 -4.66 -14.24
C LEU A 57 -13.95 -3.77 -13.83
N TYR A 58 -12.88 -3.78 -14.62
CA TYR A 58 -11.77 -2.90 -14.36
C TYR A 58 -12.30 -1.45 -14.22
N PHE A 59 -13.18 -1.06 -15.11
CA PHE A 59 -13.73 0.27 -15.04
C PHE A 59 -14.70 0.47 -13.89
N THR A 60 -15.67 -0.41 -13.76
CA THR A 60 -16.68 -0.20 -12.76
C THR A 60 -16.15 -0.27 -11.31
N MET A 61 -15.15 -1.11 -11.01
CA MET A 61 -14.72 -1.24 -9.62
C MET A 61 -13.81 -0.09 -9.21
N PHE A 62 -13.39 0.74 -10.18
CA PHE A 62 -12.59 1.95 -9.96
C PHE A 62 -13.31 3.28 -10.32
N ASN A 63 -14.63 3.22 -10.60
CA ASN A 63 -15.32 4.42 -11.06
C ASN A 63 -16.77 4.60 -10.59
N CYS A 64 -17.19 3.83 -9.62
CA CYS A 64 -18.36 4.17 -8.88
C CYS A 64 -18.24 5.57 -8.21
N ASN A 65 -19.40 6.11 -7.84
CA ASN A 65 -19.53 7.44 -7.25
C ASN A 65 -18.86 8.56 -8.03
N LYS A 66 -19.04 8.51 -9.34
CA LYS A 66 -18.61 9.57 -10.23
C LYS A 66 -19.63 9.73 -11.38
N ARG A 67 -19.59 10.91 -12.01
CA ARG A 67 -20.27 11.22 -13.26
C ARG A 67 -19.28 11.40 -14.40
N SER A 68 -19.70 11.06 -15.62
CA SER A 68 -18.88 11.19 -16.77
C SER A 68 -19.36 12.34 -17.62
N ILE A 69 -18.43 13.17 -18.02
CA ILE A 69 -18.63 14.08 -19.12
C ILE A 69 -17.50 13.85 -20.15
N GLU A 70 -17.86 13.83 -21.43
CA GLU A 70 -16.84 13.73 -22.49
C GLU A 70 -16.42 15.13 -22.81
N LEU A 71 -15.18 15.31 -23.25
CA LEU A 71 -14.66 16.64 -23.58
C LEU A 71 -13.39 16.57 -24.40
N ASP A 72 -13.39 17.27 -25.54
CA ASP A 72 -12.13 17.48 -26.28
C ASP A 72 -11.45 18.77 -25.79
N MET A 73 -10.37 18.58 -25.01
CA MET A 73 -9.70 19.71 -24.39
C MET A 73 -8.73 20.48 -25.30
N LYS A 74 -8.62 20.04 -26.56
CA LYS A 74 -7.83 20.75 -27.58
C LYS A 74 -8.56 21.93 -28.21
N THR A 75 -9.88 21.98 -28.05
CA THR A 75 -10.73 22.95 -28.74
C THR A 75 -10.88 24.20 -27.92
N PRO A 76 -10.95 25.37 -28.56
CA PRO A 76 -11.20 26.64 -27.87
C PRO A 76 -12.38 26.62 -26.91
N GLU A 77 -13.48 25.98 -27.29
CA GLU A 77 -14.71 25.93 -26.47
C GLU A 77 -14.59 24.94 -25.28
N GLY A 78 -13.82 23.88 -25.45
CA GLY A 78 -13.54 22.98 -24.33
C GLY A 78 -12.68 23.62 -23.25
N LYS A 79 -11.75 24.47 -23.66
CA LYS A 79 -10.86 25.14 -22.72
C LYS A 79 -11.66 26.13 -21.94
N GLU A 80 -12.62 26.75 -22.61
CA GLU A 80 -13.53 27.71 -21.99
C GLU A 80 -14.35 27.03 -20.88
N LEU A 81 -14.95 25.89 -21.23
CA LEU A 81 -15.67 25.03 -20.28
C LEU A 81 -14.83 24.60 -19.07
N LEU A 82 -13.57 24.31 -19.32
CA LEU A 82 -12.68 23.86 -18.28
C LEU A 82 -12.43 24.95 -17.29
N GLU A 83 -12.26 26.16 -17.79
CA GLU A 83 -12.04 27.34 -16.95
C GLU A 83 -13.21 27.55 -15.99
N GLN A 84 -14.43 27.41 -16.49
CA GLN A 84 -15.62 27.54 -15.66
C GLN A 84 -15.63 26.42 -14.60
N MET A 85 -15.28 25.20 -14.99
CA MET A 85 -15.35 24.08 -14.07
C MET A 85 -14.27 24.17 -12.99
N ILE A 86 -13.10 24.73 -13.37
CA ILE A 86 -11.98 24.89 -12.45
C ILE A 86 -12.39 25.88 -11.39
N LYS A 87 -13.16 26.90 -11.78
CA LYS A 87 -13.62 27.91 -10.81
C LYS A 87 -14.65 27.37 -9.81
N LYS A 88 -15.29 26.28 -10.16
CA LYS A 88 -16.23 25.65 -9.26
C LYS A 88 -15.62 24.48 -8.49
N ALA A 89 -14.43 24.01 -8.91
CA ALA A 89 -13.82 22.83 -8.28
C ALA A 89 -13.04 23.19 -7.05
N ASP A 90 -12.92 22.20 -6.17
CA ASP A 90 -12.08 22.26 -4.98
C ASP A 90 -10.78 21.55 -5.25
N VAL A 91 -10.82 20.43 -5.92
CA VAL A 91 -9.59 19.77 -6.30
C VAL A 91 -9.67 19.30 -7.74
N MET A 92 -8.56 19.46 -8.46
CA MET A 92 -8.37 18.83 -9.75
C MET A 92 -7.32 17.74 -9.60
N VAL A 93 -7.63 16.57 -10.10
CA VAL A 93 -6.81 15.39 -9.94
C VAL A 93 -6.41 14.95 -11.30
N GLU A 94 -5.12 14.70 -11.51
CA GLU A 94 -4.70 14.23 -12.82
C GLU A 94 -3.53 13.22 -12.76
N ASN A 95 -3.53 12.29 -13.71
CA ASN A 95 -2.40 11.35 -13.91
C ASN A 95 -2.10 11.14 -15.39
N PHE A 96 -1.63 12.22 -16.02
CA PHE A 96 -1.53 12.38 -17.47
C PHE A 96 -0.09 12.24 -17.98
N GLY A 97 0.87 12.14 -17.07
CA GLY A 97 2.23 12.17 -17.58
C GLY A 97 2.71 13.57 -17.90
N PRO A 98 3.99 13.79 -17.62
CA PRO A 98 4.48 15.13 -17.31
C PRO A 98 4.34 16.19 -18.42
N GLY A 99 4.06 17.41 -17.95
CA GLY A 99 3.85 18.56 -18.81
C GLY A 99 2.52 18.59 -19.55
N ALA A 100 1.71 17.55 -19.41
CA ALA A 100 0.58 17.40 -20.33
C ALA A 100 -0.48 18.49 -20.18
N LEU A 101 -0.86 18.76 -18.93
CA LEU A 101 -1.81 19.80 -18.60
C LEU A 101 -1.28 21.16 -18.97
N ASP A 102 0.01 21.38 -18.70
CA ASP A 102 0.68 22.64 -19.10
C ASP A 102 0.56 22.90 -20.59
N ARG A 103 0.59 21.82 -21.37
CA ARG A 103 0.45 21.89 -22.80
C ARG A 103 -0.97 22.13 -23.25
N MET A 104 -1.93 21.87 -22.39
CA MET A 104 -3.31 22.24 -22.69
C MET A 104 -3.53 23.72 -22.37
N GLY A 105 -2.56 24.37 -21.75
CA GLY A 105 -2.72 25.76 -21.33
C GLY A 105 -2.95 25.93 -19.83
N PHE A 106 -3.11 24.84 -19.10
CA PHE A 106 -3.40 24.91 -17.67
C PHE A 106 -2.22 24.56 -16.80
N THR A 107 -1.22 25.44 -16.86
CA THR A 107 -0.12 25.46 -15.90
C THR A 107 -0.68 25.68 -14.50
N TRP A 108 0.08 25.27 -13.51
CA TRP A 108 -0.28 25.61 -12.16
C TRP A 108 -0.51 27.12 -12.01
N GLU A 109 0.28 27.92 -12.71
CA GLU A 109 0.27 29.39 -12.57
C GLU A 109 -1.04 29.98 -13.03
N TYR A 110 -1.54 29.54 -14.17
CA TYR A 110 -2.86 30.00 -14.68
C TYR A 110 -3.99 29.45 -13.81
N ILE A 111 -3.92 28.19 -13.44
CA ILE A 111 -4.95 27.61 -12.58
C ILE A 111 -5.11 28.46 -11.32
N GLN A 112 -4.00 28.82 -10.67
CA GLN A 112 -4.07 29.70 -9.51
C GLN A 112 -4.82 30.98 -9.82
N GLU A 113 -4.53 31.62 -10.94
CA GLU A 113 -5.26 32.81 -11.38
C GLU A 113 -6.78 32.54 -11.62
N LEU A 114 -7.14 31.36 -12.17
CA LEU A 114 -8.57 31.00 -12.32
C LEU A 114 -9.27 30.78 -10.98
N ASN A 115 -8.61 30.09 -10.05
CA ASN A 115 -9.18 29.77 -8.74
C ASN A 115 -8.07 29.63 -7.70
N PRO A 116 -7.77 30.70 -6.96
CA PRO A 116 -6.74 30.63 -5.91
C PRO A 116 -7.02 29.57 -4.83
N ARG A 117 -8.22 28.97 -4.81
CA ARG A 117 -8.63 28.00 -3.79
C ARG A 117 -8.46 26.56 -4.19
N VAL A 118 -8.43 26.29 -5.49
CA VAL A 118 -8.34 24.95 -6.02
C VAL A 118 -7.00 24.29 -5.77
N ILE A 119 -7.07 23.07 -5.27
CA ILE A 119 -5.93 22.19 -5.09
C ILE A 119 -5.66 21.35 -6.38
N LEU A 120 -4.39 21.33 -6.85
CA LEU A 120 -3.94 20.55 -8.02
C LEU A 120 -3.14 19.29 -7.59
N ALA A 121 -3.67 18.09 -7.86
CA ALA A 121 -3.10 16.87 -7.30
C ALA A 121 -2.66 16.00 -8.46
N SER A 122 -1.47 15.40 -8.41
CA SER A 122 -0.97 14.61 -9.55
C SER A 122 -0.40 13.23 -9.14
N VAL A 123 -0.62 12.21 -9.96
CA VAL A 123 0.22 11.02 -9.86
C VAL A 123 1.23 11.05 -10.98
N LYS A 124 2.47 10.73 -10.69
CA LYS A 124 3.45 10.57 -11.76
C LYS A 124 4.27 9.35 -11.42
N GLY A 125 5.16 9.02 -12.33
CA GLY A 125 6.02 7.83 -12.15
C GLY A 125 7.15 8.11 -11.21
N TYR A 126 7.85 9.20 -11.48
CA TYR A 126 8.93 9.65 -10.61
C TYR A 126 8.71 11.08 -10.13
N ALA A 127 9.37 11.48 -9.05
CA ALA A 127 9.15 12.83 -8.52
C ALA A 127 9.64 13.88 -9.48
N GLU A 128 9.01 15.04 -9.46
CA GLU A 128 9.53 16.21 -10.16
C GLU A 128 10.98 16.48 -9.69
N GLY A 129 11.91 16.48 -10.65
CA GLY A 129 13.32 16.76 -10.41
C GLY A 129 14.16 15.50 -10.37
N HIS A 130 13.54 14.36 -10.53
CA HIS A 130 14.28 13.09 -10.54
C HIS A 130 14.90 12.98 -11.93
N ALA A 131 16.09 12.40 -12.06
CA ALA A 131 16.67 12.17 -13.38
C ALA A 131 15.67 11.40 -14.30
N ASN A 132 14.92 10.45 -13.71
CA ASN A 132 13.96 9.60 -14.43
C ASN A 132 12.54 10.22 -14.51
N GLU A 133 12.43 11.49 -14.15
CA GLU A 133 11.20 12.32 -14.24
C GLU A 133 10.27 12.11 -15.43
N HIS A 134 10.90 11.73 -16.54
CA HIS A 134 10.33 11.60 -17.88
C HIS A 134 9.91 10.16 -18.23
N LEU A 135 10.44 9.17 -17.51
CA LEU A 135 10.16 7.78 -17.85
C LEU A 135 8.66 7.45 -17.71
N LYS A 136 8.28 6.43 -18.47
CA LYS A 136 6.93 5.89 -18.58
C LYS A 136 6.82 4.72 -17.61
N VAL A 137 5.75 4.71 -16.81
CA VAL A 137 5.65 3.76 -15.70
C VAL A 137 4.23 3.17 -15.52
N TYR A 138 4.10 1.85 -15.48
CA TYR A 138 2.88 1.17 -15.09
C TYR A 138 3.09 0.45 -13.78
N GLU A 139 2.07 -0.27 -13.30
CA GLU A 139 2.13 -0.89 -11.99
C GLU A 139 3.50 -1.54 -11.68
N ASN A 140 3.87 -2.52 -12.47
CA ASN A 140 5.02 -3.37 -12.10
C ASN A 140 6.38 -2.67 -12.32
N VAL A 141 6.41 -1.73 -13.24
CA VAL A 141 7.63 -0.97 -13.38
C VAL A 141 7.92 -0.17 -12.10
N ALA A 142 6.89 0.38 -11.49
CA ALA A 142 7.06 1.16 -10.30
C ALA A 142 7.40 0.28 -9.11
N GLN A 143 6.84 -0.94 -9.03
CA GLN A 143 7.22 -1.91 -7.99
C GLN A 143 8.71 -2.21 -8.15
N CYS A 144 9.17 -2.25 -9.40
CA CYS A 144 10.57 -2.45 -9.69
C CYS A 144 11.41 -1.22 -9.27
N SER A 145 10.94 -0.04 -9.58
CA SER A 145 11.74 1.16 -9.33
C SER A 145 11.87 1.52 -7.84
N GLY A 146 10.99 0.94 -7.04
CA GLY A 146 10.77 1.34 -5.65
C GLY A 146 11.33 0.39 -4.62
N GLY A 147 11.86 -0.75 -5.05
CA GLY A 147 12.48 -1.68 -4.14
C GLY A 147 11.66 -2.93 -3.82
N ALA A 148 10.37 -2.95 -4.11
CA ALA A 148 9.53 -4.11 -3.76
C ALA A 148 9.96 -5.38 -4.53
N ALA A 149 10.25 -5.22 -5.80
CA ALA A 149 10.46 -6.36 -6.62
C ALA A 149 11.76 -7.07 -6.22
N ALA A 150 12.80 -6.28 -5.93
CA ALA A 150 14.06 -6.88 -5.48
C ALA A 150 13.91 -7.63 -4.16
N THR A 151 12.97 -7.19 -3.30
CA THR A 151 12.89 -7.77 -1.98
C THR A 151 11.72 -8.68 -1.82
N THR A 152 11.18 -9.16 -2.92
CA THR A 152 9.99 -10.01 -2.88
C THR A 152 10.11 -11.30 -3.71
N GLY A 153 9.76 -12.41 -3.11
CA GLY A 153 9.97 -13.70 -3.71
C GLY A 153 11.13 -14.38 -2.99
N PHE A 154 11.78 -15.30 -3.71
CA PHE A 154 12.81 -16.15 -3.11
C PHE A 154 14.24 -15.89 -3.52
N TRP A 155 15.17 -16.39 -2.68
CA TRP A 155 16.63 -16.23 -2.88
C TRP A 155 17.10 -16.97 -4.12
N ASP A 156 16.49 -18.11 -4.42
CA ASP A 156 16.80 -18.84 -5.67
C ASP A 156 15.94 -18.48 -6.88
N GLY A 157 15.10 -17.45 -6.78
CA GLY A 157 14.28 -17.05 -7.94
C GLY A 157 14.43 -15.60 -8.40
N PRO A 158 13.61 -15.16 -9.34
CA PRO A 158 13.64 -13.78 -9.78
C PRO A 158 13.03 -12.81 -8.76
N PRO A 159 13.27 -11.52 -8.96
CA PRO A 159 12.43 -10.52 -8.38
C PRO A 159 10.98 -10.75 -8.83
N THR A 160 10.12 -10.57 -7.85
CA THR A 160 8.78 -10.98 -7.96
C THR A 160 7.88 -9.80 -7.71
N VAL A 161 6.93 -9.72 -8.60
CA VAL A 161 5.90 -8.75 -8.51
C VAL A 161 4.88 -9.17 -7.47
N SER A 162 4.43 -8.19 -6.69
CA SER A 162 3.32 -8.36 -5.76
C SER A 162 1.97 -8.28 -6.46
N GLY A 163 1.10 -9.22 -6.12
CA GLY A 163 -0.32 -9.18 -6.54
C GLY A 163 -1.06 -7.88 -6.23
N ALA A 164 -0.85 -7.37 -5.03
CA ALA A 164 -1.38 -6.11 -4.62
C ALA A 164 -0.79 -4.98 -5.44
N ALA A 165 -1.53 -3.90 -5.52
CA ALA A 165 -1.21 -2.87 -6.48
C ALA A 165 -0.40 -1.81 -5.75
N LEU A 166 0.85 -2.18 -5.55
CA LEU A 166 1.80 -1.38 -4.80
C LEU A 166 2.09 -0.09 -5.46
N GLY A 167 1.75 0.01 -6.75
CA GLY A 167 2.16 1.12 -7.56
C GLY A 167 1.00 1.97 -8.03
N ASP A 168 -0.13 1.36 -8.39
CA ASP A 168 -1.29 2.12 -8.87
C ASP A 168 -2.18 2.52 -7.66
N SER A 169 -2.96 1.58 -7.11
CA SER A 169 -3.88 1.93 -6.06
C SER A 169 -3.18 2.53 -4.83
N ASN A 170 -1.95 2.11 -4.58
CA ASN A 170 -1.23 2.57 -3.41
C ASN A 170 -0.77 4.02 -3.61
N SER A 171 -0.42 4.36 -4.84
CA SER A 171 -0.14 5.75 -5.18
C SER A 171 -1.40 6.52 -5.06
N GLY A 172 -2.50 5.95 -5.53
CA GLY A 172 -3.78 6.58 -5.38
C GLY A 172 -4.12 6.95 -3.94
N MET A 173 -3.88 6.04 -2.99
CA MET A 173 -4.30 6.28 -1.63
C MET A 173 -3.36 7.29 -1.02
N HIS A 174 -2.07 7.23 -1.45
CA HIS A 174 -1.10 8.22 -1.00
C HIS A 174 -1.52 9.60 -1.48
N LEU A 175 -1.92 9.70 -2.74
CA LEU A 175 -2.34 10.99 -3.25
C LEU A 175 -3.48 11.52 -2.41
N MET A 176 -4.35 10.62 -1.96
CA MET A 176 -5.57 11.01 -1.26
C MET A 176 -5.26 11.52 0.14
N ILE A 177 -4.11 11.14 0.68
CA ILE A 177 -3.60 11.73 1.89
C ILE A 177 -3.15 13.18 1.57
N GLY A 178 -2.51 13.34 0.40
CA GLY A 178 -1.97 14.65 0.04
C GLY A 178 -3.06 15.64 -0.13
N ILE A 179 -4.09 15.22 -0.87
CA ILE A 179 -5.24 16.03 -1.12
C ILE A 179 -5.89 16.46 0.19
N LEU A 180 -6.10 15.53 1.10
CA LEU A 180 -6.80 15.89 2.34
C LEU A 180 -5.94 16.80 3.19
N ALA A 181 -4.65 16.58 3.15
CA ALA A 181 -3.71 17.44 3.85
C ALA A 181 -3.79 18.85 3.32
N ALA A 182 -3.78 18.98 2.00
CA ALA A 182 -3.96 20.30 1.38
C ALA A 182 -5.31 20.93 1.77
N LEU A 183 -6.40 20.17 1.79
CA LEU A 183 -7.70 20.74 2.27
C LEU A 183 -7.62 21.20 3.72
N GLU A 184 -6.85 20.52 4.54
CA GLU A 184 -6.65 20.90 5.90
C GLU A 184 -5.85 22.21 6.00
N ILE A 185 -4.90 22.43 5.10
CA ILE A 185 -4.06 23.64 5.15
C ILE A 185 -4.84 24.85 4.59
N ARG A 186 -5.76 24.61 3.67
CA ARG A 186 -6.62 25.64 3.08
C ARG A 186 -7.57 26.27 4.11
N HIS A 187 -7.99 25.51 5.11
CA HIS A 187 -8.78 26.11 6.17
C HIS A 187 -8.03 27.22 6.88
N LYS A 188 -6.72 27.10 6.98
CA LYS A 188 -5.88 28.16 7.55
C LYS A 188 -5.40 29.23 6.57
N THR A 189 -5.24 28.96 5.27
CA THR A 189 -4.62 29.96 4.37
C THR A 189 -5.57 30.59 3.37
N GLY A 190 -6.70 29.96 3.15
CA GLY A 190 -7.56 30.38 2.07
C GLY A 190 -7.04 29.98 0.69
N ARG A 191 -5.89 29.27 0.60
CA ARG A 191 -5.27 28.97 -0.72
C ARG A 191 -5.17 27.48 -1.01
N GLY A 192 -5.24 27.15 -2.30
CA GLY A 192 -4.90 25.82 -2.83
C GLY A 192 -3.38 25.58 -2.98
N GLN A 193 -2.98 24.33 -3.09
CA GLN A 193 -1.62 23.97 -3.37
C GLN A 193 -1.53 22.94 -4.49
N LYS A 194 -0.33 22.75 -4.98
CA LYS A 194 0.00 21.65 -5.86
C LYS A 194 0.43 20.54 -4.96
N VAL A 195 0.06 19.31 -5.33
CA VAL A 195 0.52 18.15 -4.61
C VAL A 195 0.70 16.99 -5.57
N ALA A 196 1.80 16.27 -5.42
CA ALA A 196 2.13 15.19 -6.34
C ALA A 196 2.68 13.98 -5.59
N VAL A 197 2.24 12.80 -6.02
CA VAL A 197 2.81 11.59 -5.54
C VAL A 197 3.40 10.90 -6.71
N ALA A 198 4.55 10.28 -6.50
CA ALA A 198 5.24 9.49 -7.48
C ALA A 198 5.16 8.03 -7.10
N MET A 199 4.87 7.20 -8.07
CA MET A 199 4.68 5.78 -7.85
C MET A 199 5.93 5.20 -7.19
N GLN A 200 7.10 5.60 -7.63
CA GLN A 200 8.31 5.06 -7.01
C GLN A 200 8.32 5.33 -5.49
N ASP A 201 8.00 6.55 -5.10
CA ASP A 201 8.04 6.98 -3.70
C ASP A 201 6.95 6.32 -2.85
N ALA A 202 5.77 6.11 -3.44
CA ALA A 202 4.71 5.40 -2.78
C ALA A 202 5.12 3.97 -2.47
N VAL A 203 5.71 3.31 -3.46
CA VAL A 203 6.30 1.97 -3.25
C VAL A 203 7.33 1.98 -2.17
N LEU A 204 8.26 2.90 -2.30
CA LEU A 204 9.36 2.99 -1.36
C LEU A 204 8.87 3.15 0.07
N ASN A 205 7.85 3.99 0.26
CA ASN A 205 7.29 4.19 1.59
C ASN A 205 6.84 2.90 2.21
N LEU A 206 6.24 2.04 1.41
CA LEU A 206 5.85 0.73 1.91
C LEU A 206 7.01 -0.22 2.11
N VAL A 207 8.11 -0.08 1.37
CA VAL A 207 9.34 -0.88 1.62
C VAL A 207 10.32 -0.17 2.53
N ARG A 208 9.90 0.78 3.34
CA ARG A 208 10.80 1.44 4.31
C ARG A 208 11.50 0.44 5.23
N ILE A 209 10.83 -0.59 5.64
CA ILE A 209 11.46 -1.60 6.47
C ILE A 209 12.65 -2.26 5.73
N LYS A 210 12.66 -2.27 4.40
CA LYS A 210 13.80 -2.81 3.64
C LYS A 210 14.96 -1.84 3.57
N LEU A 211 14.67 -0.54 3.73
CA LEU A 211 15.75 0.43 3.83
C LEU A 211 16.36 0.44 5.26
N ARG A 212 15.55 0.06 6.24
CA ARG A 212 16.09 -0.36 7.54
C ARG A 212 17.18 -1.45 7.32
N ASP A 213 16.75 -2.55 6.70
CA ASP A 213 17.56 -3.71 6.48
C ASP A 213 18.83 -3.38 5.67
N GLN A 214 18.74 -2.51 4.67
CA GLN A 214 19.97 -2.17 3.88
C GLN A 214 21.00 -1.51 4.76
N GLN A 215 20.58 -0.64 5.68
CA GLN A 215 21.51 0.07 6.54
C GLN A 215 22.02 -0.92 7.57
N ARG A 216 21.16 -1.72 8.18
CA ARG A 216 21.63 -2.77 9.05
C ARG A 216 22.74 -3.59 8.37
N LEU A 217 22.52 -3.99 7.13
CA LEU A 217 23.47 -4.81 6.38
C LEU A 217 24.77 -4.11 6.14
N GLU A 218 24.67 -2.83 5.79
CA GLU A 218 25.89 -2.05 5.49
C GLU A 218 26.77 -1.91 6.74
N ARG A 219 26.14 -1.74 7.90
CA ARG A 219 26.88 -1.42 9.14
C ARG A 219 27.37 -2.64 9.83
N THR A 220 26.64 -3.78 9.71
CA THR A 220 26.98 -5.04 10.42
C THR A 220 27.35 -6.25 9.54
N GLY A 221 27.08 -6.15 8.25
CA GLY A 221 27.40 -7.22 7.33
C GLY A 221 26.48 -8.43 7.38
N ILE A 222 25.48 -8.39 8.26
CA ILE A 222 24.56 -9.52 8.46
C ILE A 222 23.11 -9.15 8.82
N LEU A 223 22.18 -10.04 8.51
CA LEU A 223 20.81 -9.84 8.90
C LEU A 223 20.33 -11.15 9.53
N ALA A 224 20.66 -11.31 10.82
CA ALA A 224 20.49 -12.58 11.56
C ALA A 224 19.19 -13.30 11.30
N GLU A 225 18.13 -12.53 11.13
CA GLU A 225 16.78 -13.11 11.06
C GLU A 225 16.34 -13.60 9.66
N TYR A 226 17.18 -13.39 8.64
CA TYR A 226 16.87 -13.81 7.27
C TYR A 226 17.25 -15.26 7.11
N PRO A 227 16.56 -15.98 6.26
CA PRO A 227 16.89 -17.38 6.05
C PRO A 227 18.36 -17.63 5.62
N GLN A 228 18.98 -16.77 4.82
CA GLN A 228 20.38 -16.97 4.39
C GLN A 228 21.40 -16.98 5.55
N ALA A 229 21.01 -16.45 6.71
CA ALA A 229 21.87 -16.43 7.90
C ALA A 229 21.79 -17.72 8.77
N GLN A 230 21.00 -18.68 8.32
CA GLN A 230 20.95 -19.93 8.99
C GLN A 230 21.90 -20.81 8.23
N PRO A 231 23.00 -21.21 8.82
CA PRO A 231 24.00 -21.96 8.05
C PRO A 231 23.44 -23.17 7.26
N ASN A 232 23.81 -23.19 5.98
CA ASN A 232 23.50 -24.28 5.10
C ASN A 232 22.00 -24.56 5.08
N PHE A 233 21.17 -23.51 4.98
CA PHE A 233 19.72 -23.65 4.72
C PHE A 233 19.35 -23.25 3.30
N ALA A 234 20.02 -22.23 2.81
CA ALA A 234 19.64 -21.59 1.57
C ALA A 234 20.66 -21.90 0.50
N PHE A 235 20.18 -22.30 -0.66
CA PHE A 235 21.04 -22.60 -1.79
C PHE A 235 20.56 -21.88 -3.07
N ASP A 236 21.52 -21.32 -3.80
CA ASP A 236 21.28 -20.81 -5.15
C ASP A 236 20.89 -21.95 -6.08
N ARG A 237 20.46 -21.66 -7.31
CA ARG A 237 19.99 -22.72 -8.23
C ARG A 237 20.99 -23.85 -8.54
N ASP A 238 22.30 -23.59 -8.43
CA ASP A 238 23.35 -24.60 -8.62
C ASP A 238 23.70 -25.49 -7.37
N GLY A 239 22.89 -25.49 -6.30
CA GLY A 239 23.23 -26.26 -5.11
C GLY A 239 24.36 -25.73 -4.21
N ASN A 240 24.89 -24.55 -4.54
CA ASN A 240 25.86 -23.83 -3.70
C ASN A 240 25.20 -23.13 -2.51
N PRO A 241 25.80 -23.18 -1.33
CA PRO A 241 25.19 -22.58 -0.14
C PRO A 241 25.25 -21.07 -0.19
N LEU A 242 24.42 -20.45 0.62
CA LEU A 242 24.23 -19.00 0.63
C LEU A 242 24.40 -18.49 2.05
N SER A 243 25.14 -17.41 2.17
CA SER A 243 25.25 -16.71 3.43
C SER A 243 25.46 -15.20 3.20
N PHE A 244 25.44 -14.45 4.29
CA PHE A 244 25.71 -13.02 4.24
C PHE A 244 27.18 -12.62 4.07
N ASP A 245 28.07 -13.60 3.81
CA ASP A 245 29.45 -13.33 3.33
C ASP A 245 29.44 -12.58 1.98
N ASN A 246 28.51 -12.95 1.10
CA ASN A 246 28.41 -12.40 -0.26
C ASN A 246 27.44 -11.26 -0.52
N ILE A 247 26.60 -10.93 0.44
CA ILE A 247 25.42 -10.14 0.15
C ILE A 247 25.66 -8.74 0.64
N THR A 248 25.66 -7.79 -0.29
CA THR A 248 25.76 -6.40 0.06
C THR A 248 24.47 -5.61 -0.15
N SER A 249 23.43 -6.25 -0.69
CA SER A 249 22.12 -5.62 -0.86
C SER A 249 20.98 -6.51 -0.41
N VAL A 250 19.96 -5.94 0.22
CA VAL A 250 18.94 -6.75 0.89
C VAL A 250 18.39 -7.78 -0.05
N PRO A 251 18.37 -9.03 0.36
CA PRO A 251 17.92 -10.10 -0.55
C PRO A 251 16.48 -10.50 -0.33
N ARG A 252 15.98 -11.31 -1.25
CA ARG A 252 14.72 -11.97 -1.06
C ARG A 252 14.82 -12.98 0.08
N GLY A 253 13.76 -13.07 0.88
CA GLY A 253 13.74 -13.89 2.08
C GLY A 253 12.58 -14.88 2.07
N GLY A 254 11.99 -15.11 0.92
CA GLY A 254 10.91 -16.04 0.82
C GLY A 254 9.75 -15.50 1.63
N ASN A 255 9.20 -16.35 2.50
CA ASN A 255 8.02 -16.04 3.28
C ASN A 255 8.40 -15.66 4.78
N ALA A 256 9.66 -15.21 4.97
CA ALA A 256 10.12 -14.70 6.23
C ALA A 256 9.35 -13.46 6.73
N GLY A 257 9.48 -13.25 8.04
CA GLY A 257 8.65 -12.31 8.79
C GLY A 257 8.58 -10.84 8.35
N GLY A 258 9.71 -10.30 7.85
CA GLY A 258 9.80 -8.87 7.52
C GLY A 258 9.76 -8.02 8.78
N GLY A 259 8.69 -7.16 8.93
CA GLY A 259 8.47 -6.28 10.10
C GLY A 259 7.67 -6.91 11.27
N GLY A 260 6.89 -7.90 10.81
CA GLY A 260 6.53 -9.04 11.61
C GLY A 260 7.84 -9.68 12.03
N GLN A 261 7.94 -9.92 13.34
CA GLN A 261 8.76 -10.95 13.96
C GLN A 261 8.69 -12.23 13.20
N PRO A 262 9.61 -13.13 13.50
CA PRO A 262 9.84 -14.32 12.65
C PRO A 262 8.58 -15.13 12.33
N GLY A 263 8.54 -15.61 11.10
CA GLY A 263 7.35 -16.24 10.55
C GLY A 263 7.57 -17.03 9.27
N TRP A 264 6.56 -17.80 8.92
CA TRP A 264 6.61 -18.60 7.72
C TRP A 264 5.25 -19.09 7.24
N MET A 265 5.23 -19.47 5.97
CA MET A 265 4.02 -19.89 5.28
C MET A 265 3.96 -21.42 5.36
N LEU A 266 3.06 -21.96 6.17
CA LEU A 266 3.01 -23.41 6.36
C LEU A 266 1.79 -24.09 5.71
N LYS A 267 2.08 -25.24 5.09
CA LYS A 267 1.08 -26.13 4.49
C LYS A 267 0.01 -26.59 5.46
N CYS A 268 -1.21 -26.63 4.96
CA CYS A 268 -2.30 -27.28 5.63
C CYS A 268 -2.87 -28.38 4.72
N LYS A 269 -3.85 -29.12 5.23
CA LYS A 269 -4.36 -30.28 4.52
C LYS A 269 -4.86 -29.82 3.18
N GLY A 270 -4.39 -30.50 2.13
CA GLY A 270 -4.88 -30.29 0.79
C GLY A 270 -4.04 -29.42 -0.12
N TRP A 271 -2.86 -29.01 0.33
CA TRP A 271 -2.06 -28.06 -0.44
C TRP A 271 -1.67 -28.59 -1.85
N GLU A 272 -1.61 -29.92 -2.02
CA GLU A 272 -1.37 -30.54 -3.34
C GLU A 272 -2.51 -30.22 -4.29
N THR A 273 -3.73 -30.28 -3.75
CA THR A 273 -4.96 -30.06 -4.52
C THR A 273 -5.44 -28.57 -4.57
N ASP A 274 -4.98 -27.75 -3.62
CA ASP A 274 -5.52 -26.41 -3.45
C ASP A 274 -4.37 -25.45 -3.15
N ALA A 275 -4.05 -24.64 -4.14
CA ALA A 275 -3.10 -23.53 -4.07
C ALA A 275 -3.15 -22.62 -2.81
N ASP A 276 -4.29 -22.44 -2.17
CA ASP A 276 -4.35 -21.49 -1.05
C ASP A 276 -4.53 -22.09 0.33
N SER A 277 -4.27 -23.39 0.44
CA SER A 277 -4.45 -24.21 1.65
C SER A 277 -3.20 -24.20 2.53
N TYR A 278 -3.00 -23.06 3.19
CA TYR A 278 -1.77 -22.68 3.89
C TYR A 278 -2.15 -21.66 4.99
N VAL A 279 -1.39 -21.65 6.09
CA VAL A 279 -1.48 -20.57 7.11
C VAL A 279 -0.20 -19.81 7.16
N TYR A 280 -0.25 -18.61 7.75
CA TYR A 280 0.95 -17.92 8.19
C TYR A 280 1.04 -18.03 9.72
N PHE A 281 2.20 -18.48 10.21
CA PHE A 281 2.47 -18.78 11.63
C PHE A 281 3.67 -17.96 12.06
N THR A 282 3.52 -17.24 13.18
CA THR A 282 4.51 -16.29 13.68
C THR A 282 5.04 -16.71 15.06
N ILE A 283 6.36 -16.83 15.16
CA ILE A 283 7.02 -16.95 16.45
C ILE A 283 7.32 -15.52 17.04
N ALA A 284 6.35 -14.92 17.73
CA ALA A 284 6.66 -13.78 18.60
C ALA A 284 7.55 -14.26 19.75
N ALA A 285 8.64 -13.57 20.05
CA ALA A 285 9.57 -14.05 21.12
C ALA A 285 8.89 -14.18 22.51
N ASN A 286 8.01 -13.21 22.81
CA ASN A 286 7.14 -13.24 23.98
C ASN A 286 6.12 -14.42 24.04
N MET A 287 6.10 -15.30 23.05
CA MET A 287 5.12 -16.38 22.96
C MET A 287 5.72 -17.75 22.91
N TRP A 288 6.99 -17.87 23.30
CA TRP A 288 7.65 -19.13 23.12
C TRP A 288 6.96 -20.28 23.92
N PRO A 289 6.69 -20.08 25.20
CA PRO A 289 6.01 -21.13 26.01
C PRO A 289 4.69 -21.61 25.39
N GLN A 290 3.82 -20.65 25.12
CA GLN A 290 2.54 -20.95 24.49
C GLN A 290 2.72 -21.92 23.28
N ILE A 291 3.71 -21.61 22.44
CA ILE A 291 3.93 -22.41 21.24
C ILE A 291 4.37 -23.88 21.59
N CYS A 292 5.24 -24.01 22.59
CA CYS A 292 5.72 -25.33 22.98
C CYS A 292 4.57 -26.23 23.44
N ASP A 293 3.61 -25.64 24.18
CA ASP A 293 2.42 -26.37 24.63
C ASP A 293 1.59 -26.92 23.48
N MET A 294 1.48 -26.09 22.46
CA MET A 294 0.59 -26.36 21.34
C MET A 294 1.17 -27.50 20.53
N ILE A 295 2.47 -27.43 20.28
CA ILE A 295 3.14 -28.44 19.46
C ILE A 295 3.67 -29.59 20.27
N ASP A 296 3.46 -29.56 21.59
CA ASP A 296 3.82 -30.65 22.46
C ASP A 296 5.33 -30.83 22.44
N LYS A 297 6.02 -29.80 22.91
CA LYS A 297 7.46 -29.80 23.08
C LYS A 297 7.83 -29.05 24.37
N PRO A 298 7.52 -29.63 25.53
CA PRO A 298 7.86 -28.99 26.83
C PRO A 298 9.36 -28.87 27.05
N GLU A 299 10.11 -29.82 26.50
CA GLU A 299 11.58 -29.81 26.60
C GLU A 299 12.20 -28.51 26.04
N TRP A 300 11.56 -27.92 25.01
CA TRP A 300 12.02 -26.65 24.43
C TRP A 300 11.69 -25.39 25.23
N LYS A 301 10.93 -25.47 26.32
CA LYS A 301 10.63 -24.25 27.11
C LYS A 301 11.85 -23.66 27.80
N ASP A 302 12.78 -24.54 28.21
CA ASP A 302 14.00 -24.22 29.01
C ASP A 302 15.36 -24.32 28.27
N ASP A 303 15.45 -25.22 27.28
CA ASP A 303 16.65 -25.35 26.44
C ASP A 303 16.95 -23.94 25.85
N PRO A 304 18.15 -23.40 26.08
CA PRO A 304 18.47 -22.08 25.52
C PRO A 304 18.84 -22.10 24.02
N ALA A 305 18.94 -23.28 23.44
CA ALA A 305 19.00 -23.43 21.98
C ALA A 305 17.64 -23.15 21.26
N TYR A 306 16.59 -22.85 22.05
CA TYR A 306 15.20 -22.72 21.59
C TYR A 306 14.37 -21.61 22.23
N ASN A 307 14.83 -20.93 23.28
CA ASN A 307 13.90 -20.07 24.04
C ASN A 307 14.25 -18.60 24.09
N THR A 308 15.06 -18.17 23.13
CA THR A 308 15.38 -16.75 22.95
C THR A 308 15.38 -16.51 21.48
N PHE A 309 15.28 -15.26 21.07
CA PHE A 309 15.47 -15.03 19.66
C PHE A 309 16.81 -15.67 19.17
N GLU A 310 17.89 -15.39 19.90
CA GLU A 310 19.26 -15.77 19.51
C GLU A 310 19.51 -17.28 19.34
N GLY A 311 19.06 -18.11 20.27
CA GLY A 311 19.28 -19.54 20.14
C GLY A 311 18.53 -20.13 18.96
N ARG A 312 17.44 -19.48 18.62
CA ARG A 312 16.50 -19.93 17.60
C ARG A 312 17.11 -19.76 16.18
N VAL A 313 17.88 -18.70 15.94
CA VAL A 313 18.56 -18.51 14.63
C VAL A 313 19.34 -19.73 14.08
N ASP A 314 20.12 -20.42 14.93
CA ASP A 314 20.80 -21.68 14.54
C ASP A 314 19.86 -22.56 13.65
N LYS A 315 18.55 -22.58 14.02
CA LYS A 315 17.56 -23.64 13.62
C LYS A 315 16.15 -23.18 13.07
N LEU A 316 15.92 -21.89 12.84
CA LEU A 316 14.55 -21.41 12.65
C LEU A 316 13.68 -22.28 11.69
N MET A 317 14.27 -22.63 10.56
CA MET A 317 13.59 -23.32 9.50
C MET A 317 13.31 -24.77 9.85
N ASP A 318 14.06 -25.32 10.78
CA ASP A 318 13.77 -26.66 11.32
C ASP A 318 12.60 -26.59 12.23
N ILE A 319 12.53 -25.53 13.01
CA ILE A 319 11.38 -25.33 13.87
C ILE A 319 10.14 -25.21 13.02
N PHE A 320 10.22 -24.39 12.00
CA PHE A 320 9.07 -24.18 11.17
C PHE A 320 8.64 -25.51 10.51
N SER A 321 9.57 -26.31 10.02
CA SER A 321 9.23 -27.62 9.42
C SER A 321 8.49 -28.51 10.37
N PHE A 322 8.91 -28.46 11.63
CA PHE A 322 8.30 -29.33 12.65
C PHE A 322 6.86 -28.88 13.01
N ILE A 323 6.65 -27.57 13.06
CA ILE A 323 5.32 -27.05 13.29
C ILE A 323 4.41 -27.45 12.14
N GLU A 324 4.90 -27.29 10.90
CA GLU A 324 4.13 -27.60 9.68
C GLU A 324 3.49 -28.98 9.79
N THR A 325 4.26 -29.85 10.40
CA THR A 325 3.94 -31.23 10.51
C THR A 325 2.63 -31.46 11.29
N LYS A 326 2.37 -30.63 12.27
CA LYS A 326 1.16 -30.72 13.08
C LYS A 326 -0.11 -30.31 12.35
N PHE A 327 0.07 -29.44 11.38
CA PHE A 327 -1.02 -28.89 10.59
C PHE A 327 -1.42 -29.82 9.46
N ALA A 328 -0.64 -30.89 9.29
CA ALA A 328 -0.72 -31.85 8.15
C ALA A 328 -2.12 -32.33 7.83
N ASP A 329 -2.93 -32.38 8.88
CA ASP A 329 -4.24 -33.02 8.89
C ASP A 329 -5.43 -32.08 9.05
N LYS A 330 -5.16 -30.78 9.20
CA LYS A 330 -6.20 -29.78 9.45
C LYS A 330 -6.19 -28.70 8.36
N ASP A 331 -7.38 -28.29 7.91
CA ASP A 331 -7.52 -27.15 7.02
C ASP A 331 -7.09 -25.88 7.76
N LYS A 332 -6.81 -24.81 6.99
CA LYS A 332 -6.28 -23.56 7.52
C LYS A 332 -7.12 -22.97 8.67
N PHE A 333 -8.43 -23.18 8.56
CA PHE A 333 -9.41 -22.69 9.52
C PHE A 333 -9.30 -23.45 10.86
N GLU A 334 -9.23 -24.77 10.82
CA GLU A 334 -9.03 -25.53 12.03
C GLU A 334 -7.72 -25.04 12.73
N VAL A 335 -6.69 -24.80 11.91
CA VAL A 335 -5.37 -24.43 12.38
C VAL A 335 -5.41 -23.04 13.00
N THR A 336 -6.16 -22.12 12.40
CA THR A 336 -6.30 -20.75 12.91
C THR A 336 -7.08 -20.75 14.22
N GLU A 337 -8.12 -21.55 14.30
CA GLU A 337 -8.95 -21.65 15.48
C GLU A 337 -8.14 -22.31 16.65
N TRP A 338 -7.33 -23.28 16.28
CA TRP A 338 -6.44 -23.95 17.25
C TRP A 338 -5.37 -22.97 17.82
N ALA A 339 -4.55 -22.41 16.92
CA ALA A 339 -3.70 -21.26 17.22
C ALA A 339 -4.35 -20.18 18.10
N ALA A 340 -5.58 -19.79 17.77
CA ALA A 340 -6.27 -18.73 18.52
C ALA A 340 -6.50 -19.12 19.99
N GLN A 341 -6.59 -20.41 20.26
CA GLN A 341 -6.79 -20.81 21.63
C GLN A 341 -5.58 -20.40 22.49
N TYR A 342 -4.41 -20.25 21.86
CA TYR A 342 -3.16 -19.95 22.54
C TYR A 342 -2.76 -18.50 22.41
N GLY A 343 -3.60 -17.69 21.77
CA GLY A 343 -3.25 -16.32 21.49
C GLY A 343 -2.20 -16.13 20.42
N ILE A 344 -1.65 -17.22 19.83
CA ILE A 344 -0.58 -17.11 18.83
C ILE A 344 -1.10 -16.40 17.57
N PRO A 345 -0.35 -15.45 16.99
CA PRO A 345 -0.72 -14.84 15.72
C PRO A 345 -0.55 -15.78 14.52
N CYS A 346 -1.67 -16.26 14.04
CA CYS A 346 -1.67 -17.23 12.97
C CYS A 346 -2.95 -17.12 12.17
N GLY A 347 -2.86 -17.10 10.86
CA GLY A 347 -4.02 -16.86 10.06
C GLY A 347 -3.91 -17.56 8.72
N PRO A 348 -5.07 -17.73 8.07
CA PRO A 348 -5.14 -18.47 6.85
C PRO A 348 -4.85 -17.54 5.68
N VAL A 349 -4.34 -18.16 4.63
CA VAL A 349 -4.31 -17.57 3.34
C VAL A 349 -5.71 -17.66 2.80
N MET A 350 -6.37 -16.51 2.71
CA MET A 350 -7.64 -16.40 2.03
C MET A 350 -7.50 -16.27 0.48
N SER A 351 -8.25 -17.12 -0.21
CA SER A 351 -8.37 -17.10 -1.62
C SER A 351 -9.36 -16.06 -1.97
N MET A 352 -9.31 -15.65 -3.21
CA MET A 352 -10.12 -14.57 -3.67
C MET A 352 -11.60 -14.95 -3.72
N LYS A 353 -11.88 -16.21 -4.10
CA LYS A 353 -13.22 -16.78 -4.03
C LYS A 353 -13.78 -16.71 -2.59
N GLU A 354 -12.97 -17.12 -1.63
CA GLU A 354 -13.38 -17.03 -0.24
C GLU A 354 -13.69 -15.61 0.13
N LEU A 355 -12.91 -14.67 -0.39
CA LEU A 355 -13.04 -13.27 -0.03
C LEU A 355 -14.28 -12.66 -0.66
N ALA A 356 -14.48 -12.96 -1.93
CA ALA A 356 -15.65 -12.40 -2.64
C ALA A 356 -17.00 -12.83 -2.04
N HIS A 357 -17.04 -13.93 -1.27
CA HIS A 357 -18.29 -14.46 -0.73
C HIS A 357 -18.28 -14.56 0.84
N ASP A 358 -17.28 -13.98 1.49
CA ASP A 358 -17.24 -13.98 2.92
C ASP A 358 -18.37 -13.14 3.50
N PRO A 359 -19.21 -13.73 4.33
CA PRO A 359 -20.25 -12.96 5.04
C PRO A 359 -19.67 -11.81 5.92
N SER A 360 -18.62 -12.07 6.65
CA SER A 360 -18.03 -11.00 7.47
C SER A 360 -17.61 -9.72 6.69
N LEU A 361 -17.00 -9.87 5.53
CA LEU A 361 -16.60 -8.68 4.80
C LEU A 361 -17.81 -7.87 4.25
N GLN A 362 -18.96 -8.50 4.03
CA GLN A 362 -20.13 -7.80 3.52
C GLN A 362 -20.91 -7.17 4.70
N LYS A 363 -20.83 -7.78 5.87
CA LYS A 363 -21.45 -7.19 7.04
C LYS A 363 -20.83 -5.82 7.33
N VAL A 364 -19.51 -5.78 7.37
CA VAL A 364 -18.80 -4.57 7.74
C VAL A 364 -18.61 -3.53 6.63
N GLY A 365 -19.14 -3.80 5.41
CA GLY A 365 -19.05 -2.90 4.26
C GLY A 365 -17.70 -2.87 3.48
N THR A 366 -16.84 -3.90 3.66
CA THR A 366 -15.56 -3.93 2.96
C THR A 366 -15.58 -4.59 1.55
N VAL A 367 -16.26 -5.72 1.41
CA VAL A 367 -16.78 -6.14 0.10
C VAL A 367 -18.20 -5.61 0.03
N VAL A 368 -18.57 -5.01 -1.11
CA VAL A 368 -19.91 -4.51 -1.32
C VAL A 368 -20.54 -4.87 -2.67
N GLU A 369 -21.82 -5.25 -2.60
CA GLU A 369 -22.62 -5.48 -3.78
C GLU A 369 -23.14 -4.14 -4.24
N VAL A 370 -22.66 -3.68 -5.38
CA VAL A 370 -23.10 -2.46 -6.00
C VAL A 370 -24.26 -2.77 -6.88
N VAL A 371 -25.25 -1.91 -6.84
CA VAL A 371 -26.50 -2.15 -7.56
C VAL A 371 -26.35 -1.40 -8.87
N ASP A 372 -26.33 -2.15 -9.96
CA ASP A 372 -26.07 -1.63 -11.31
C ASP A 372 -27.13 -2.29 -12.23
N GLU A 373 -28.17 -1.54 -12.58
CA GLU A 373 -29.39 -2.04 -13.22
C GLU A 373 -29.14 -2.26 -14.71
N ILE A 374 -28.19 -1.46 -15.22
CA ILE A 374 -27.71 -1.50 -16.59
C ILE A 374 -26.77 -2.69 -16.80
N ARG A 375 -25.68 -2.80 -16.06
CA ARG A 375 -24.70 -3.83 -16.42
C ARG A 375 -24.84 -5.15 -15.68
N GLY A 376 -25.69 -5.16 -14.66
CA GLY A 376 -25.81 -6.25 -13.71
C GLY A 376 -25.07 -5.86 -12.44
N ASN A 377 -25.60 -6.27 -11.27
CA ASN A 377 -24.87 -6.05 -10.01
C ASN A 377 -23.47 -6.64 -10.07
N HIS A 378 -22.61 -6.17 -9.17
CA HIS A 378 -21.21 -6.56 -9.11
C HIS A 378 -20.63 -6.23 -7.72
N LEU A 379 -19.56 -6.95 -7.38
CA LEU A 379 -18.90 -6.79 -6.11
C LEU A 379 -17.86 -5.70 -6.27
N THR A 380 -17.55 -5.04 -5.15
CA THR A 380 -16.44 -4.09 -5.09
C THR A 380 -15.83 -3.96 -3.68
N VAL A 381 -14.67 -3.35 -3.58
CA VAL A 381 -14.10 -3.10 -2.29
C VAL A 381 -14.55 -1.70 -1.82
N GLY A 382 -15.28 -1.65 -0.72
CA GLY A 382 -15.64 -0.40 -0.14
C GLY A 382 -14.51 0.38 0.54
N ALA A 383 -14.90 1.16 1.53
CA ALA A 383 -14.05 2.01 2.34
C ALA A 383 -13.41 1.19 3.42
N PRO A 384 -12.08 1.10 3.37
CA PRO A 384 -11.37 0.37 4.44
C PRO A 384 -11.33 1.17 5.74
N PHE A 385 -11.67 2.45 5.70
CA PHE A 385 -11.85 3.24 6.94
C PHE A 385 -13.29 3.12 7.36
N LYS A 386 -13.52 2.83 8.65
CA LYS A 386 -14.87 2.76 9.22
C LYS A 386 -15.05 3.91 10.20
N PHE A 387 -16.15 4.61 10.11
CA PHE A 387 -16.35 5.79 10.91
C PHE A 387 -17.59 5.66 11.75
N SER A 388 -17.61 6.33 12.88
CA SER A 388 -18.67 6.15 13.84
C SER A 388 -19.88 6.91 13.33
N GLY A 389 -19.63 7.91 12.50
CA GLY A 389 -20.57 8.94 12.22
C GLY A 389 -21.10 8.92 10.82
N PHE A 390 -20.69 7.92 10.03
CA PHE A 390 -21.30 7.74 8.73
C PHE A 390 -20.96 6.46 7.99
N GLN A 391 -21.75 6.16 6.93
CA GLN A 391 -21.61 5.01 5.99
C GLN A 391 -21.52 5.47 4.54
N PRO A 392 -20.53 4.99 3.78
CA PRO A 392 -20.51 5.23 2.33
C PRO A 392 -21.77 4.68 1.70
N GLU A 393 -22.24 5.35 0.65
CA GLU A 393 -23.38 4.94 -0.17
C GLU A 393 -22.85 4.86 -1.59
N ILE A 394 -22.36 3.68 -1.96
CA ILE A 394 -21.74 3.48 -3.23
C ILE A 394 -22.82 3.25 -4.23
N THR A 395 -22.66 3.90 -5.39
CA THR A 395 -23.57 3.82 -6.53
C THR A 395 -22.79 3.52 -7.81
N ARG A 396 -23.49 3.09 -8.83
CA ARG A 396 -22.79 2.45 -9.94
C ARG A 396 -21.98 3.45 -10.78
N ALA A 397 -20.96 2.94 -11.46
CA ALA A 397 -20.06 3.74 -12.29
C ALA A 397 -20.74 4.28 -13.53
N PRO A 398 -20.34 5.48 -13.95
CA PRO A 398 -21.07 6.22 -14.99
C PRO A 398 -20.89 5.60 -16.39
N LEU A 399 -21.84 5.75 -17.31
CA LEU A 399 -21.63 5.34 -18.72
C LEU A 399 -20.93 6.49 -19.43
N LEU A 400 -20.39 6.22 -20.60
CA LEU A 400 -19.57 7.22 -21.26
C LEU A 400 -20.41 8.45 -21.62
N GLY A 401 -20.03 9.62 -21.13
CA GLY A 401 -20.79 10.83 -21.39
C GLY A 401 -22.19 10.90 -20.80
N GLU A 402 -22.55 10.02 -19.86
CA GLU A 402 -23.92 9.92 -19.38
C GLU A 402 -24.49 11.22 -18.82
N HIS A 403 -23.60 11.95 -18.15
CA HIS A 403 -23.90 13.11 -17.33
C HIS A 403 -23.39 14.39 -17.97
N THR A 404 -22.96 14.32 -19.23
CA THR A 404 -22.44 15.48 -19.93
C THR A 404 -23.43 16.64 -19.91
N ASP A 405 -24.66 16.37 -20.32
CA ASP A 405 -25.66 17.44 -20.37
C ASP A 405 -26.01 17.96 -18.95
N GLU A 406 -26.29 17.05 -18.04
CA GLU A 406 -26.61 17.40 -16.67
C GLU A 406 -25.57 18.30 -16.01
N VAL A 407 -24.28 18.01 -16.27
CA VAL A 407 -23.14 18.81 -15.82
C VAL A 407 -23.12 20.20 -16.51
N LEU A 408 -23.39 20.24 -17.79
CA LEU A 408 -23.44 21.54 -18.46
C LEU A 408 -24.60 22.43 -17.96
N LYS A 409 -25.70 21.84 -17.49
CA LYS A 409 -26.76 22.64 -16.89
C LYS A 409 -26.30 23.23 -15.55
N GLU A 410 -25.62 22.43 -14.72
CA GLU A 410 -25.09 22.95 -13.44
C GLU A 410 -24.11 24.11 -13.64
N LEU A 411 -23.52 24.23 -14.83
CA LEU A 411 -22.62 25.32 -15.18
C LEU A 411 -23.37 26.59 -15.65
N GLY A 412 -24.60 26.42 -16.14
CA GLY A 412 -25.51 27.52 -16.41
C GLY A 412 -25.71 27.72 -17.91
N LEU A 413 -25.80 26.62 -18.63
CA LEU A 413 -25.80 26.69 -20.09
C LEU A 413 -27.18 26.32 -20.65
N ASP A 414 -27.67 27.16 -21.57
CA ASP A 414 -29.02 26.97 -22.14
C ASP A 414 -28.98 25.72 -23.02
N ASP A 415 -30.16 25.16 -23.32
CA ASP A 415 -30.22 23.86 -24.02
C ASP A 415 -29.65 23.90 -25.46
N ALA A 416 -29.65 25.05 -26.11
CA ALA A 416 -29.09 25.19 -27.46
C ALA A 416 -27.58 25.42 -27.44
N LYS A 417 -27.03 25.93 -26.34
CA LYS A 417 -25.57 26.04 -26.19
C LYS A 417 -24.99 24.64 -26.07
N ILE A 418 -25.77 23.75 -25.45
CA ILE A 418 -25.47 22.31 -25.35
C ILE A 418 -25.60 21.61 -26.72
N LYS A 419 -26.60 21.97 -27.51
CA LYS A 419 -26.79 21.39 -28.84
C LYS A 419 -25.56 21.70 -29.73
N GLU A 420 -25.15 22.97 -29.69
CA GLU A 420 -23.96 23.48 -30.40
C GLU A 420 -22.79 22.58 -30.11
N LEU A 421 -22.50 22.39 -28.82
CA LEU A 421 -21.28 21.70 -28.41
C LEU A 421 -21.19 20.25 -28.90
N HIS A 422 -22.30 19.51 -28.83
CA HIS A 422 -22.33 18.15 -29.40
C HIS A 422 -21.96 18.19 -30.90
N ALA A 423 -22.66 19.05 -31.66
CA ALA A 423 -22.44 19.19 -33.12
C ALA A 423 -20.99 19.62 -33.49
N LYS A 424 -20.42 20.52 -32.66
CA LYS A 424 -19.02 21.00 -32.78
C LYS A 424 -17.96 19.96 -32.40
N GLN A 425 -18.39 18.81 -31.88
CA GLN A 425 -17.50 17.68 -31.59
C GLN A 425 -16.55 18.09 -30.45
N VAL A 426 -17.09 18.92 -29.55
CA VAL A 426 -16.44 19.35 -28.31
C VAL A 426 -16.82 18.41 -27.16
N VAL A 427 -17.94 17.73 -27.27
CA VAL A 427 -18.54 17.10 -26.11
C VAL A 427 -19.30 15.84 -26.54
N THR B 1 1.06 26.73 5.82
CA THR B 1 2.55 26.51 5.76
C THR B 1 3.02 25.20 6.38
N LYS B 2 2.14 24.46 7.05
CA LYS B 2 2.37 23.05 7.38
C LYS B 2 1.02 22.46 7.80
N PRO B 3 0.52 21.48 7.07
CA PRO B 3 -0.89 21.12 7.15
C PRO B 3 -1.40 20.68 8.54
N LEU B 4 -0.55 20.06 9.35
CA LEU B 4 -0.95 19.65 10.68
C LEU B 4 -0.28 20.46 11.81
N ASP B 5 0.25 21.64 11.48
CA ASP B 5 0.61 22.63 12.50
C ASP B 5 -0.50 22.77 13.54
N GLY B 6 -0.15 22.61 14.80
CA GLY B 6 -1.10 22.77 15.89
C GLY B 6 -2.11 21.63 16.10
N ILE B 7 -2.10 20.58 15.26
CA ILE B 7 -2.79 19.34 15.62
C ILE B 7 -1.93 18.57 16.63
N ASN B 8 -2.54 18.27 17.76
CA ASN B 8 -1.93 17.56 18.85
C ASN B 8 -2.39 16.12 18.82
N VAL B 9 -1.43 15.18 18.80
CA VAL B 9 -1.72 13.73 18.67
C VAL B 9 -1.25 13.01 19.88
N LEU B 10 -2.21 12.44 20.58
CA LEU B 10 -1.92 11.55 21.69
C LEU B 10 -1.70 10.16 21.08
N ASP B 11 -0.43 9.75 20.99
CA ASP B 11 -0.02 8.59 20.22
C ASP B 11 0.28 7.41 21.16
N PHE B 12 -0.56 6.39 21.14
CA PHE B 12 -0.42 5.21 21.97
C PHE B 12 0.28 4.11 21.26
N THR B 13 0.67 4.38 20.01
CA THR B 13 1.01 3.31 19.06
C THR B 13 2.41 2.72 19.26
N HIS B 14 2.52 1.46 18.87
CA HIS B 14 3.78 0.71 18.87
C HIS B 14 3.99 -0.10 17.58
N VAL B 15 5.23 -0.56 17.35
CA VAL B 15 5.60 -1.38 16.22
C VAL B 15 5.56 -0.60 14.91
N GLN B 16 4.89 -1.10 13.87
CA GLN B 16 4.95 -0.46 12.54
C GLN B 16 3.66 0.29 12.07
N ALA B 17 2.50 -0.35 12.20
CA ALA B 17 1.26 0.15 11.54
C ALA B 17 0.86 1.49 12.11
N GLY B 18 0.74 1.54 13.44
CA GLY B 18 0.32 2.73 14.16
C GLY B 18 1.35 3.81 14.00
N PRO B 19 2.60 3.55 14.42
CA PRO B 19 3.68 4.54 14.34
C PRO B 19 3.91 5.09 12.96
N ALA B 20 3.69 4.29 11.94
CA ALA B 20 3.96 4.78 10.58
C ALA B 20 3.08 5.97 10.36
N CYS B 21 1.83 5.83 10.83
CA CYS B 21 0.80 6.86 10.66
C CYS B 21 1.07 8.11 11.48
N THR B 22 1.46 7.95 12.73
CA THR B 22 1.75 9.13 13.53
C THR B 22 3.02 9.81 13.12
N GLN B 23 4.00 9.03 12.66
CA GLN B 23 5.24 9.64 12.14
C GLN B 23 4.93 10.49 10.96
N MET B 24 4.14 9.99 10.01
CA MET B 24 3.84 10.72 8.79
C MET B 24 3.06 11.98 9.14
N MET B 25 2.22 11.92 10.17
CA MET B 25 1.49 13.12 10.64
C MET B 25 2.48 14.17 11.18
N GLY B 26 3.46 13.68 11.91
CA GLY B 26 4.52 14.52 12.45
C GLY B 26 5.30 15.18 11.33
N PHE B 27 5.62 14.46 10.26
CA PHE B 27 6.27 15.12 9.12
C PHE B 27 5.45 16.27 8.51
N LEU B 28 4.13 16.11 8.48
CA LEU B 28 3.21 17.15 8.00
C LEU B 28 2.92 18.23 9.10
N GLY B 29 3.64 18.22 10.24
CA GLY B 29 3.58 19.29 11.24
C GLY B 29 2.91 18.99 12.58
N ALA B 30 2.27 17.86 12.68
CA ALA B 30 1.57 17.48 13.93
C ALA B 30 2.46 17.47 15.18
N ASN B 31 1.88 17.77 16.31
CA ASN B 31 2.58 17.67 17.58
C ASN B 31 2.32 16.28 18.17
N VAL B 32 3.22 15.34 17.89
CA VAL B 32 2.97 13.95 18.26
C VAL B 32 3.63 13.67 19.57
N ILE B 33 2.84 13.22 20.53
CA ILE B 33 3.33 12.83 21.84
C ILE B 33 3.09 11.36 22.04
N LYS B 34 4.17 10.60 22.00
CA LYS B 34 4.13 9.16 22.02
C LYS B 34 4.11 8.67 23.47
N ILE B 35 3.10 7.89 23.84
CA ILE B 35 3.04 7.31 25.17
C ILE B 35 3.67 5.93 25.11
N GLU B 36 4.58 5.68 26.04
CA GLU B 36 5.38 4.47 26.05
C GLU B 36 5.36 3.79 27.42
N ARG B 37 5.46 2.48 27.38
CA ARG B 37 5.52 1.65 28.57
C ARG B 37 6.73 2.08 29.49
N ARG B 38 6.52 2.22 30.81
CA ARG B 38 7.65 2.50 31.71
C ARG B 38 8.64 1.37 31.57
N GLY B 39 9.89 1.72 31.23
CA GLY B 39 10.99 0.78 31.35
C GLY B 39 11.49 0.28 30.03
N SER B 40 10.61 -0.28 29.19
CA SER B 40 11.00 -0.77 27.84
C SER B 40 10.46 0.07 26.69
N GLY B 41 9.25 0.56 26.85
CA GLY B 41 8.60 1.24 25.75
C GLY B 41 8.36 0.38 24.51
N ASP B 42 8.22 1.07 23.38
CA ASP B 42 7.91 0.46 22.12
C ASP B 42 8.93 -0.63 21.87
N MET B 43 8.46 -1.83 21.57
CA MET B 43 9.33 -2.99 21.44
C MET B 43 10.28 -2.95 20.25
N THR B 44 10.04 -2.05 19.30
CA THR B 44 10.99 -1.84 18.20
C THR B 44 12.36 -1.30 18.66
N ARG B 45 12.38 -0.66 19.82
CA ARG B 45 13.61 -0.10 20.36
C ARG B 45 14.69 -1.16 20.48
N GLY B 46 14.34 -2.34 20.98
CA GLY B 46 15.29 -3.42 21.19
C GLY B 46 15.28 -4.57 20.19
N TRP B 47 14.74 -4.34 19.01
CA TRP B 47 14.50 -5.41 18.08
C TRP B 47 15.35 -5.03 16.83
N LEU B 48 16.30 -5.94 16.53
CA LEU B 48 17.28 -5.77 15.45
C LEU B 48 18.18 -4.55 15.58
N GLN B 49 18.69 -4.38 16.79
CA GLN B 49 19.62 -3.28 17.08
C GLN B 49 20.91 -3.44 16.29
N ASP B 50 21.51 -2.34 15.84
CA ASP B 50 22.77 -2.46 15.11
C ASP B 50 24.02 -2.17 16.01
N LYS B 51 23.81 -1.35 17.03
CA LYS B 51 24.78 -1.05 18.07
C LYS B 51 24.12 -1.37 19.39
N PRO B 52 24.86 -1.81 20.39
CA PRO B 52 24.25 -2.21 21.67
C PRO B 52 23.79 -1.03 22.53
N ASN B 53 22.69 -1.20 23.27
CA ASN B 53 22.13 -0.12 24.13
C ASN B 53 21.74 1.10 23.30
N VAL B 54 21.48 0.91 22.00
CA VAL B 54 21.04 2.02 21.13
C VAL B 54 19.76 1.60 20.42
N ASP B 55 18.79 2.50 20.42
CA ASP B 55 17.51 2.26 19.74
C ASP B 55 17.76 1.88 18.31
N SER B 56 17.05 0.86 17.87
CA SER B 56 17.28 0.29 16.54
C SER B 56 16.84 1.20 15.47
N LEU B 57 17.17 0.83 14.25
CA LEU B 57 16.77 1.57 13.07
C LEU B 57 15.28 1.41 12.82
N TYR B 58 14.74 0.28 13.25
CA TYR B 58 13.30 0.01 13.20
C TYR B 58 12.59 1.10 13.99
N PHE B 59 13.10 1.47 15.14
CA PHE B 59 12.44 2.47 15.94
C PHE B 59 12.63 3.87 15.39
N THR B 60 13.87 4.16 14.96
CA THR B 60 14.17 5.52 14.51
C THR B 60 13.55 5.84 13.17
N MET B 61 13.41 4.86 12.29
CA MET B 61 12.87 5.15 10.95
C MET B 61 11.32 5.18 10.94
N PHE B 62 10.71 4.87 12.08
CA PHE B 62 9.25 4.99 12.30
C PHE B 62 8.89 5.97 13.49
N ASN B 63 9.86 6.71 14.05
CA ASN B 63 9.52 7.53 15.21
C ASN B 63 10.24 8.87 15.28
N CYS B 64 10.74 9.32 14.14
CA CYS B 64 11.04 10.74 13.99
C CYS B 64 9.80 11.60 14.18
N ASN B 65 10.03 12.89 14.46
CA ASN B 65 8.99 13.91 14.66
C ASN B 65 7.97 13.55 15.75
N LYS B 66 8.45 12.92 16.81
CA LYS B 66 7.65 12.60 17.99
C LYS B 66 8.49 12.84 19.27
N ARG B 67 7.79 13.08 20.38
CA ARG B 67 8.35 13.08 21.71
C ARG B 67 7.90 11.84 22.49
N SER B 68 8.71 11.40 23.45
CA SER B 68 8.40 10.27 24.28
C SER B 68 8.08 10.75 25.70
N ILE B 69 6.98 10.24 26.22
CA ILE B 69 6.73 10.24 27.64
C ILE B 69 6.50 8.78 28.06
N GLU B 70 7.06 8.40 29.20
CA GLU B 70 6.80 7.10 29.78
C GLU B 70 5.61 7.26 30.70
N LEU B 71 4.76 6.23 30.80
CA LEU B 71 3.55 6.30 31.59
C LEU B 71 2.95 4.93 31.89
N ASP B 72 2.71 4.66 33.18
CA ASP B 72 1.95 3.50 33.63
C ASP B 72 0.47 3.79 33.67
N MET B 73 -0.27 3.32 32.67
CA MET B 73 -1.69 3.66 32.56
C MET B 73 -2.62 2.86 33.54
N LYS B 74 -2.07 1.89 34.28
CA LYS B 74 -2.86 1.07 35.21
C LYS B 74 -3.00 1.73 36.60
N THR B 75 -2.33 2.88 36.74
CA THR B 75 -2.27 3.66 37.95
C THR B 75 -3.32 4.77 37.97
N PRO B 76 -4.04 4.94 39.07
CA PRO B 76 -4.93 6.11 39.24
C PRO B 76 -4.35 7.47 38.76
N GLU B 77 -3.11 7.75 39.14
CA GLU B 77 -2.39 8.97 38.82
C GLU B 77 -2.08 9.12 37.33
N GLY B 78 -1.81 7.98 36.65
CA GLY B 78 -1.60 7.95 35.21
C GLY B 78 -2.87 8.11 34.39
N LYS B 79 -4.00 7.65 34.92
CA LYS B 79 -5.29 7.84 34.26
C LYS B 79 -5.67 9.32 34.33
N GLU B 80 -5.35 9.96 35.45
CA GLU B 80 -5.63 11.38 35.66
C GLU B 80 -4.87 12.23 34.64
N LEU B 81 -3.59 11.94 34.46
CA LEU B 81 -2.77 12.59 33.44
C LEU B 81 -3.30 12.33 32.03
N LEU B 82 -3.81 11.14 31.82
CA LEU B 82 -4.37 10.78 30.53
C LEU B 82 -5.58 11.63 30.16
N GLU B 83 -6.44 11.86 31.16
CA GLU B 83 -7.64 12.65 31.00
C GLU B 83 -7.28 14.07 30.65
N GLN B 84 -6.27 14.62 31.31
CA GLN B 84 -5.80 15.97 31.05
C GLN B 84 -5.26 16.09 29.63
N MET B 85 -4.57 15.04 29.18
CA MET B 85 -3.96 15.01 27.84
C MET B 85 -5.00 14.84 26.75
N ILE B 86 -6.04 14.07 27.04
CA ILE B 86 -7.11 13.80 26.10
C ILE B 86 -7.91 15.08 25.83
N LYS B 87 -8.01 15.93 26.85
CA LYS B 87 -8.63 17.23 26.70
C LYS B 87 -7.82 18.19 25.86
N LYS B 88 -6.52 18.00 25.74
CA LYS B 88 -5.70 18.85 24.89
C LYS B 88 -5.54 18.28 23.48
N ALA B 89 -5.86 17.01 23.31
CA ALA B 89 -5.63 16.30 22.05
C ALA B 89 -6.62 16.62 20.95
N ASP B 90 -6.15 16.59 19.72
CA ASP B 90 -7.03 16.54 18.58
C ASP B 90 -7.28 15.13 18.13
N VAL B 91 -6.25 14.30 18.09
CA VAL B 91 -6.47 12.92 17.74
C VAL B 91 -5.71 11.98 18.65
N MET B 92 -6.32 10.82 18.87
CA MET B 92 -5.75 9.79 19.74
C MET B 92 -5.67 8.45 18.99
N VAL B 93 -4.45 8.09 18.62
CA VAL B 93 -4.21 6.99 17.69
C VAL B 93 -3.77 5.85 18.50
N GLU B 94 -4.27 4.68 18.17
CA GLU B 94 -3.94 3.51 18.97
C GLU B 94 -3.92 2.22 18.11
N ASN B 95 -3.08 1.25 18.46
CA ASN B 95 -3.07 -0.10 17.88
C ASN B 95 -2.74 -1.18 18.89
N PHE B 96 -3.66 -1.32 19.86
CA PHE B 96 -3.45 -2.09 21.11
C PHE B 96 -4.12 -3.45 21.06
N GLY B 97 -4.92 -3.70 20.06
CA GLY B 97 -5.69 -4.93 20.24
C GLY B 97 -6.94 -4.75 21.08
N PRO B 98 -7.98 -5.52 20.74
CA PRO B 98 -9.35 -5.02 20.87
C PRO B 98 -9.79 -4.99 22.32
N GLY B 99 -10.58 -3.96 22.63
CA GLY B 99 -11.08 -3.69 23.95
C GLY B 99 -10.04 -3.10 24.90
N ALA B 100 -8.77 -2.99 24.48
CA ALA B 100 -7.71 -2.67 25.44
C ALA B 100 -7.90 -1.35 26.13
N LEU B 101 -8.15 -0.28 25.37
CA LEU B 101 -8.36 1.05 25.96
C LEU B 101 -9.60 1.11 26.77
N ASP B 102 -10.66 0.41 26.33
CA ASP B 102 -11.91 0.33 27.12
C ASP B 102 -11.62 -0.23 28.53
N ARG B 103 -10.65 -1.14 28.63
CA ARG B 103 -10.34 -1.77 29.90
C ARG B 103 -9.51 -0.87 30.75
N MET B 104 -8.81 0.06 30.12
CA MET B 104 -8.11 1.12 30.86
C MET B 104 -9.09 2.16 31.39
N GLY B 105 -10.33 2.09 30.95
CA GLY B 105 -11.35 3.03 31.39
C GLY B 105 -11.78 4.00 30.29
N PHE B 106 -11.08 4.01 29.15
CA PHE B 106 -11.29 5.01 28.12
C PHE B 106 -12.01 4.46 26.89
N THR B 107 -13.25 4.05 27.16
CA THR B 107 -14.26 3.76 26.12
C THR B 107 -14.46 5.01 25.23
N TRP B 108 -14.91 4.78 24.01
CA TRP B 108 -15.29 5.90 23.13
C TRP B 108 -16.25 6.84 23.84
N GLU B 109 -17.17 6.30 24.64
CA GLU B 109 -18.19 7.13 25.31
C GLU B 109 -17.67 8.07 26.38
N TYR B 110 -16.69 7.61 27.17
CA TYR B 110 -16.05 8.46 28.16
C TYR B 110 -15.13 9.47 27.47
N ILE B 111 -14.39 9.03 26.47
CA ILE B 111 -13.55 9.93 25.70
C ILE B 111 -14.34 11.15 25.18
N GLN B 112 -15.50 10.90 24.58
CA GLN B 112 -16.39 11.97 24.12
C GLN B 112 -16.79 12.92 25.23
N GLU B 113 -17.09 12.37 26.39
CA GLU B 113 -17.37 13.17 27.60
C GLU B 113 -16.20 14.04 28.03
N LEU B 114 -14.97 13.52 27.91
CA LEU B 114 -13.77 14.32 28.19
C LEU B 114 -13.56 15.39 27.16
N ASN B 115 -13.68 15.02 25.87
CA ASN B 115 -13.40 15.96 24.79
C ASN B 115 -14.25 15.63 23.58
N PRO B 116 -15.31 16.40 23.35
CA PRO B 116 -16.24 16.12 22.23
C PRO B 116 -15.65 16.42 20.88
N ARG B 117 -14.46 17.00 20.89
CA ARG B 117 -13.73 17.31 19.66
C ARG B 117 -12.68 16.26 19.25
N VAL B 118 -12.18 15.45 20.18
CA VAL B 118 -11.12 14.49 19.84
C VAL B 118 -11.55 13.39 18.89
N ILE B 119 -10.67 13.07 17.94
CA ILE B 119 -10.87 11.96 17.04
C ILE B 119 -10.11 10.75 17.56
N LEU B 120 -10.77 9.59 17.64
CA LEU B 120 -10.15 8.35 18.08
C LEU B 120 -9.89 7.43 16.87
N ALA B 121 -8.63 7.14 16.60
CA ALA B 121 -8.27 6.42 15.37
C ALA B 121 -7.59 5.08 15.70
N SER B 122 -7.97 3.98 15.10
CA SER B 122 -7.44 2.68 15.52
C SER B 122 -6.93 1.87 14.39
N VAL B 123 -5.88 1.07 14.64
CA VAL B 123 -5.55 0.02 13.71
C VAL B 123 -5.93 -1.30 14.33
N LYS B 124 -6.61 -2.12 13.55
CA LYS B 124 -7.03 -3.42 14.00
C LYS B 124 -6.68 -4.49 12.96
N GLY B 125 -6.72 -5.75 13.40
CA GLY B 125 -6.41 -6.90 12.56
C GLY B 125 -7.54 -7.07 11.61
N TYR B 126 -8.72 -7.24 12.15
CA TYR B 126 -9.97 -7.39 11.39
C TYR B 126 -10.98 -6.33 11.84
N ALA B 127 -11.95 -6.01 11.00
CA ALA B 127 -12.92 -4.94 11.30
C ALA B 127 -13.83 -5.29 12.49
N GLU B 128 -14.17 -4.28 13.29
CA GLU B 128 -15.22 -4.42 14.26
C GLU B 128 -16.50 -5.11 13.64
N GLY B 129 -16.89 -6.27 14.19
CA GLY B 129 -18.06 -7.01 13.82
C GLY B 129 -17.77 -8.19 12.91
N HIS B 130 -16.50 -8.39 12.56
CA HIS B 130 -16.06 -9.52 11.78
C HIS B 130 -15.95 -10.70 12.71
N ALA B 131 -16.26 -11.90 12.20
CA ALA B 131 -16.17 -13.12 12.98
C ALA B 131 -14.75 -13.25 13.60
N ASN B 132 -13.72 -12.80 12.86
CA ASN B 132 -12.32 -12.89 13.29
C ASN B 132 -11.80 -11.62 14.01
N GLU B 133 -12.72 -10.73 14.37
CA GLU B 133 -12.46 -9.51 15.12
C GLU B 133 -11.40 -9.59 16.23
N HIS B 134 -11.23 -10.78 16.80
CA HIS B 134 -10.38 -10.95 17.96
C HIS B 134 -9.05 -11.63 17.68
N LEU B 135 -8.84 -12.13 16.45
CA LEU B 135 -7.57 -12.75 16.08
C LEU B 135 -6.41 -11.76 16.17
N LYS B 136 -5.21 -12.25 16.43
CA LYS B 136 -4.01 -11.42 16.54
C LYS B 136 -3.32 -11.49 15.19
N VAL B 137 -2.81 -10.33 14.77
CA VAL B 137 -2.40 -10.11 13.40
C VAL B 137 -1.16 -9.25 13.28
N TYR B 138 -0.10 -9.76 12.63
CA TYR B 138 1.04 -8.93 12.21
C TYR B 138 1.07 -8.90 10.71
N GLU B 139 2.14 -8.35 10.16
CA GLU B 139 2.30 -8.00 8.79
C GLU B 139 1.76 -9.07 7.86
N ASN B 140 2.44 -10.23 7.88
CA ASN B 140 2.28 -11.24 6.83
C ASN B 140 1.02 -12.05 7.07
N VAL B 141 0.51 -12.01 8.29
CA VAL B 141 -0.79 -12.58 8.59
C VAL B 141 -1.95 -11.83 7.89
N ALA B 142 -1.83 -10.51 7.87
CA ALA B 142 -2.77 -9.69 7.16
C ALA B 142 -2.64 -9.82 5.64
N GLN B 143 -1.39 -9.93 5.16
CA GLN B 143 -1.18 -10.10 3.73
C GLN B 143 -1.91 -11.34 3.33
N CYS B 144 -1.90 -12.36 4.19
CA CYS B 144 -2.60 -13.62 3.91
C CYS B 144 -4.12 -13.45 4.02
N SER B 145 -4.59 -12.76 5.06
CA SER B 145 -6.05 -12.62 5.25
C SER B 145 -6.70 -11.71 4.19
N GLY B 146 -5.90 -10.95 3.50
CA GLY B 146 -6.42 -9.95 2.64
C GLY B 146 -6.39 -10.29 1.18
N GLY B 147 -5.80 -11.43 0.80
CA GLY B 147 -5.79 -11.81 -0.62
C GLY B 147 -4.44 -11.66 -1.33
N ALA B 148 -3.54 -10.84 -0.79
CA ALA B 148 -2.24 -10.62 -1.43
C ALA B 148 -1.41 -11.89 -1.57
N ALA B 149 -1.32 -12.69 -0.52
CA ALA B 149 -0.43 -13.82 -0.57
C ALA B 149 -0.95 -14.84 -1.55
N ALA B 150 -2.27 -15.03 -1.54
CA ALA B 150 -2.88 -15.98 -2.48
C ALA B 150 -2.62 -15.63 -3.93
N THR B 151 -2.35 -14.35 -4.22
CA THR B 151 -2.27 -13.94 -5.62
C THR B 151 -0.89 -13.43 -6.04
N THR B 152 0.08 -13.80 -5.23
CA THR B 152 1.47 -13.34 -5.32
C THR B 152 2.44 -14.54 -5.25
N GLY B 153 3.25 -14.65 -6.29
CA GLY B 153 4.22 -15.69 -6.44
C GLY B 153 3.88 -16.45 -7.71
N PHE B 154 4.16 -17.75 -7.73
CA PHE B 154 4.06 -18.52 -8.97
C PHE B 154 3.06 -19.64 -8.83
N TRP B 155 2.55 -20.13 -9.96
CA TRP B 155 1.50 -21.16 -9.96
C TRP B 155 1.99 -22.48 -9.37
N ASP B 156 3.32 -22.66 -9.36
CA ASP B 156 3.97 -23.89 -8.93
C ASP B 156 4.74 -23.69 -7.62
N GLY B 157 4.49 -22.56 -6.96
CA GLY B 157 5.02 -22.32 -5.63
C GLY B 157 3.95 -21.98 -4.61
N PRO B 158 4.37 -21.63 -3.42
CA PRO B 158 3.41 -21.29 -2.34
C PRO B 158 2.90 -19.83 -2.44
N PRO B 159 1.82 -19.51 -1.73
CA PRO B 159 1.46 -18.10 -1.58
C PRO B 159 2.64 -17.43 -1.01
N THR B 160 2.86 -16.20 -1.42
CA THR B 160 4.07 -15.45 -1.15
C THR B 160 3.79 -14.06 -0.60
N VAL B 161 4.48 -13.71 0.45
CA VAL B 161 4.34 -12.40 1.04
C VAL B 161 5.13 -11.45 0.15
N SER B 162 4.72 -10.18 0.22
CA SER B 162 5.42 -9.09 -0.39
C SER B 162 6.48 -8.55 0.58
N GLY B 163 7.55 -8.04 0.03
CA GLY B 163 8.52 -7.33 0.80
C GLY B 163 7.97 -5.99 1.20
N ALA B 164 7.13 -5.37 0.37
CA ALA B 164 6.41 -4.20 0.81
C ALA B 164 5.53 -4.57 1.98
N ALA B 165 5.45 -3.62 2.93
CA ALA B 165 4.67 -3.78 4.16
C ALA B 165 3.17 -3.46 3.93
N LEU B 166 2.53 -4.28 3.10
CA LEU B 166 1.12 -4.15 2.79
C LEU B 166 0.21 -4.24 4.00
N GLY B 167 0.65 -4.96 5.02
CA GLY B 167 -0.17 -5.13 6.20
C GLY B 167 0.01 -4.03 7.25
N ASP B 168 1.19 -3.38 7.34
CA ASP B 168 1.51 -2.45 8.42
C ASP B 168 1.55 -1.04 7.96
N SER B 169 2.60 -0.63 7.25
CA SER B 169 2.69 0.75 6.81
C SER B 169 1.50 1.12 5.97
N ASN B 170 1.10 0.23 5.06
CA ASN B 170 -0.11 0.38 4.27
C ASN B 170 -1.30 0.70 5.12
N SER B 171 -1.53 -0.08 6.17
CA SER B 171 -2.69 0.11 7.04
C SER B 171 -2.60 1.51 7.72
N GLY B 172 -1.38 1.90 8.11
CA GLY B 172 -1.15 3.14 8.80
C GLY B 172 -1.35 4.30 7.88
N MET B 173 -1.12 4.12 6.57
CA MET B 173 -1.36 5.20 5.63
C MET B 173 -2.86 5.32 5.38
N HIS B 174 -3.58 4.20 5.42
CA HIS B 174 -5.02 4.25 5.22
C HIS B 174 -5.62 4.89 6.45
N LEU B 175 -5.11 4.57 7.61
CA LEU B 175 -5.61 5.22 8.82
C LEU B 175 -5.46 6.72 8.69
N MET B 176 -4.36 7.15 8.11
CA MET B 176 -4.03 8.55 8.02
C MET B 176 -5.08 9.27 7.16
N ILE B 177 -5.61 8.58 6.16
CA ILE B 177 -6.69 9.10 5.34
C ILE B 177 -7.96 9.26 6.22
N GLY B 178 -8.21 8.28 7.09
CA GLY B 178 -9.38 8.32 7.94
C GLY B 178 -9.28 9.50 8.88
N ILE B 179 -8.10 9.67 9.46
CA ILE B 179 -7.85 10.77 10.39
C ILE B 179 -8.07 12.12 9.67
N LEU B 180 -7.53 12.30 8.47
CA LEU B 180 -7.63 13.58 7.80
C LEU B 180 -9.09 13.82 7.38
N ALA B 181 -9.79 12.77 7.01
CA ALA B 181 -11.15 12.91 6.59
C ALA B 181 -12.01 13.32 7.80
N ALA B 182 -11.73 12.76 8.96
CA ALA B 182 -12.39 13.19 10.21
C ALA B 182 -12.04 14.63 10.58
N LEU B 183 -10.80 15.06 10.41
CA LEU B 183 -10.49 16.49 10.59
C LEU B 183 -11.23 17.44 9.60
N GLU B 184 -11.50 16.97 8.39
CA GLU B 184 -12.23 17.76 7.43
C GLU B 184 -13.69 17.90 7.87
N ILE B 185 -14.25 16.82 8.39
CA ILE B 185 -15.64 16.79 8.78
C ILE B 185 -15.86 17.63 10.05
N ARG B 186 -14.86 17.65 10.93
CA ARG B 186 -14.90 18.44 12.17
C ARG B 186 -14.91 19.95 11.93
N HIS B 187 -14.37 20.44 10.81
CA HIS B 187 -14.58 21.84 10.47
C HIS B 187 -16.06 22.16 10.26
N LYS B 188 -16.82 21.20 9.72
CA LYS B 188 -18.25 21.37 9.51
C LYS B 188 -19.15 21.05 10.74
N THR B 189 -18.80 20.11 11.61
CA THR B 189 -19.70 19.73 12.70
C THR B 189 -19.28 20.15 14.10
N GLY B 190 -18.03 20.57 14.26
CA GLY B 190 -17.44 20.82 15.56
C GLY B 190 -17.18 19.56 16.37
N ARG B 191 -17.39 18.42 15.75
CA ARG B 191 -17.34 17.16 16.51
C ARG B 191 -16.26 16.18 16.04
N GLY B 192 -15.65 15.44 16.97
CA GLY B 192 -14.75 14.33 16.69
C GLY B 192 -15.50 13.08 16.25
N GLN B 193 -14.78 12.09 15.74
CA GLN B 193 -15.34 10.83 15.36
C GLN B 193 -14.43 9.70 15.74
N LYS B 194 -14.94 8.48 15.71
CA LYS B 194 -14.15 7.29 15.90
C LYS B 194 -13.87 6.86 14.50
N VAL B 195 -12.61 6.42 14.26
CA VAL B 195 -12.20 5.89 12.96
C VAL B 195 -11.22 4.75 13.09
N ALA B 196 -11.48 3.71 12.31
CA ALA B 196 -10.78 2.45 12.39
C ALA B 196 -10.44 1.93 10.99
N VAL B 197 -9.23 1.44 10.86
CA VAL B 197 -8.79 0.70 9.70
C VAL B 197 -8.36 -0.69 10.14
N ALA B 198 -8.85 -1.70 9.46
CA ALA B 198 -8.43 -3.07 9.67
C ALA B 198 -7.35 -3.45 8.61
N MET B 199 -6.33 -4.16 9.09
CA MET B 199 -5.25 -4.61 8.23
C MET B 199 -5.83 -5.45 7.11
N GLN B 200 -6.80 -6.31 7.41
CA GLN B 200 -7.32 -7.15 6.33
C GLN B 200 -7.83 -6.25 5.20
N ASP B 201 -8.61 -5.21 5.53
CA ASP B 201 -9.28 -4.34 4.55
C ASP B 201 -8.31 -3.44 3.79
N ALA B 202 -7.28 -2.90 4.46
CA ALA B 202 -6.19 -2.18 3.80
C ALA B 202 -5.50 -3.02 2.74
N VAL B 203 -5.19 -4.25 3.07
CA VAL B 203 -4.64 -5.16 2.10
C VAL B 203 -5.62 -5.32 0.95
N LEU B 204 -6.86 -5.65 1.30
CA LEU B 204 -7.88 -5.97 0.30
C LEU B 204 -8.10 -4.81 -0.62
N ASN B 205 -8.02 -3.61 -0.10
CA ASN B 205 -8.18 -2.47 -0.95
C ASN B 205 -7.07 -2.42 -2.05
N LEU B 206 -5.81 -2.77 -1.71
CA LEU B 206 -4.76 -2.82 -2.73
C LEU B 206 -4.90 -4.01 -3.69
N VAL B 207 -5.70 -4.99 -3.29
CA VAL B 207 -5.91 -6.21 -4.02
C VAL B 207 -7.24 -6.19 -4.84
N ARG B 208 -7.80 -5.00 -4.98
CA ARG B 208 -9.09 -4.79 -5.68
C ARG B 208 -9.05 -5.39 -7.09
N ILE B 209 -7.96 -5.19 -7.82
CA ILE B 209 -7.89 -5.77 -9.15
C ILE B 209 -8.02 -7.28 -9.16
N LYS B 210 -7.56 -7.95 -8.08
CA LYS B 210 -7.78 -9.40 -7.92
C LYS B 210 -9.22 -9.74 -7.63
N LEU B 211 -9.99 -8.82 -7.04
CA LEU B 211 -11.45 -9.04 -6.95
C LEU B 211 -12.18 -8.88 -8.28
N ARG B 212 -11.68 -7.96 -9.11
CA ARG B 212 -12.08 -7.88 -10.52
C ARG B 212 -11.89 -9.22 -11.24
N ASP B 213 -10.70 -9.81 -11.06
CA ASP B 213 -10.34 -11.10 -11.62
C ASP B 213 -11.19 -12.23 -11.10
N GLN B 214 -11.53 -12.22 -9.82
CA GLN B 214 -12.38 -13.32 -9.29
C GLN B 214 -13.73 -13.35 -10.00
N GLN B 215 -14.27 -12.16 -10.23
CA GLN B 215 -15.57 -12.02 -10.80
C GLN B 215 -15.51 -12.38 -12.31
N ARG B 216 -14.52 -11.83 -13.03
CA ARG B 216 -14.27 -12.24 -14.40
C ARG B 216 -14.19 -13.76 -14.46
N LEU B 217 -13.43 -14.38 -13.57
CA LEU B 217 -13.28 -15.84 -13.60
C LEU B 217 -14.65 -16.51 -13.38
N GLU B 218 -15.42 -16.01 -12.44
CA GLU B 218 -16.72 -16.60 -12.08
C GLU B 218 -17.70 -16.54 -13.28
N ARG B 219 -17.65 -15.44 -13.99
CA ARG B 219 -18.61 -15.15 -15.04
C ARG B 219 -18.25 -15.85 -16.34
N THR B 220 -16.94 -15.95 -16.63
CA THR B 220 -16.43 -16.45 -17.90
C THR B 220 -15.63 -17.78 -17.85
N GLY B 221 -15.25 -18.24 -16.66
CA GLY B 221 -14.44 -19.45 -16.53
C GLY B 221 -12.95 -19.30 -16.92
N ILE B 222 -12.51 -18.13 -17.40
CA ILE B 222 -11.16 -17.95 -17.91
C ILE B 222 -10.58 -16.53 -17.67
N LEU B 223 -9.25 -16.44 -17.60
CA LEU B 223 -8.55 -15.15 -17.57
C LEU B 223 -7.47 -15.13 -18.71
N ALA B 224 -7.89 -14.77 -19.90
CA ALA B 224 -7.05 -14.91 -21.08
C ALA B 224 -5.63 -14.43 -20.87
N GLU B 225 -5.44 -13.36 -20.08
CA GLU B 225 -4.11 -12.72 -20.05
C GLU B 225 -3.17 -13.31 -18.96
N TYR B 226 -3.66 -14.31 -18.24
CA TYR B 226 -2.85 -15.00 -17.23
C TYR B 226 -2.03 -16.08 -17.93
N PRO B 227 -0.81 -16.33 -17.44
CA PRO B 227 0.07 -17.34 -18.02
C PRO B 227 -0.55 -18.72 -18.21
N GLN B 228 -1.39 -19.12 -17.27
CA GLN B 228 -2.06 -20.41 -17.32
C GLN B 228 -3.00 -20.58 -18.54
N ALA B 229 -3.41 -19.49 -19.17
CA ALA B 229 -4.28 -19.55 -20.34
C ALA B 229 -3.57 -19.59 -21.69
N GLN B 230 -2.23 -19.59 -21.72
CA GLN B 230 -1.52 -19.85 -22.97
C GLN B 230 -1.27 -21.33 -22.93
N PRO B 231 -1.84 -22.09 -23.86
CA PRO B 231 -1.71 -23.58 -23.81
C PRO B 231 -0.26 -24.12 -23.63
N ASN B 232 -0.16 -25.05 -22.68
CA ASN B 232 1.11 -25.72 -22.36
C ASN B 232 2.29 -24.76 -22.10
N PHE B 233 2.06 -23.71 -21.33
CA PHE B 233 3.19 -22.95 -20.84
C PHE B 233 3.40 -23.24 -19.36
N ALA B 234 2.32 -23.50 -18.63
CA ALA B 234 2.37 -23.55 -17.19
C ALA B 234 2.20 -24.97 -16.68
N PHE B 235 3.07 -25.38 -15.76
CA PHE B 235 3.03 -26.72 -15.24
C PHE B 235 3.11 -26.61 -13.71
N ASP B 236 2.32 -27.44 -13.02
CA ASP B 236 2.47 -27.64 -11.58
C ASP B 236 3.70 -28.51 -11.35
N ARG B 237 4.12 -28.59 -10.09
CA ARG B 237 5.41 -29.22 -9.70
C ARG B 237 5.69 -30.65 -10.29
N ASP B 238 4.71 -31.56 -10.50
CA ASP B 238 5.09 -32.94 -10.94
C ASP B 238 4.74 -33.43 -12.32
N GLY B 239 4.96 -32.54 -13.28
CA GLY B 239 4.83 -32.87 -14.68
C GLY B 239 3.44 -32.81 -15.26
N ASN B 240 2.70 -31.83 -14.90
CA ASN B 240 1.33 -31.78 -15.46
C ASN B 240 0.94 -30.37 -15.90
N PRO B 241 0.41 -30.22 -17.12
CA PRO B 241 0.06 -28.88 -17.65
C PRO B 241 -1.04 -28.22 -16.82
N LEU B 242 -1.21 -26.91 -17.01
CA LEU B 242 -2.17 -26.13 -16.24
C LEU B 242 -3.00 -25.29 -17.17
N SER B 243 -4.30 -25.22 -16.87
CA SER B 243 -5.22 -24.34 -17.58
C SER B 243 -6.34 -23.90 -16.65
N PHE B 244 -7.13 -22.97 -17.14
CA PHE B 244 -8.32 -22.51 -16.41
C PHE B 244 -9.52 -23.47 -16.36
N ASP B 245 -9.37 -24.64 -16.97
CA ASP B 245 -10.29 -25.76 -16.79
C ASP B 245 -10.61 -26.01 -15.31
N ASN B 246 -9.55 -26.02 -14.52
CA ASN B 246 -9.59 -26.43 -13.11
C ASN B 246 -9.60 -25.32 -12.09
N ILE B 247 -9.54 -24.07 -12.52
CA ILE B 247 -9.28 -22.95 -11.62
C ILE B 247 -10.53 -22.10 -11.34
N THR B 248 -10.97 -22.14 -10.11
CA THR B 248 -12.16 -21.40 -9.67
C THR B 248 -11.81 -20.17 -8.81
N SER B 249 -10.54 -20.03 -8.42
CA SER B 249 -10.14 -18.86 -7.67
C SER B 249 -8.87 -18.25 -8.24
N VAL B 250 -8.80 -16.93 -8.27
CA VAL B 250 -7.74 -16.26 -8.99
C VAL B 250 -6.41 -16.86 -8.58
N PRO B 251 -5.60 -17.26 -9.55
CA PRO B 251 -4.34 -17.94 -9.29
C PRO B 251 -3.13 -17.00 -9.30
N ARG B 252 -2.01 -17.53 -8.82
CA ARG B 252 -0.72 -16.80 -8.89
C ARG B 252 -0.26 -16.77 -10.34
N GLY B 253 0.26 -15.63 -10.74
CA GLY B 253 0.61 -15.40 -12.13
C GLY B 253 2.06 -15.06 -12.36
N GLY B 254 2.94 -15.43 -11.43
CA GLY B 254 4.37 -15.18 -11.62
C GLY B 254 4.56 -13.68 -11.78
N ASN B 255 5.25 -13.21 -12.83
CA ASN B 255 5.50 -11.76 -13.03
C ASN B 255 4.66 -11.17 -14.19
N ALA B 256 3.43 -11.67 -14.32
CA ALA B 256 2.46 -11.12 -15.27
C ALA B 256 2.10 -9.69 -14.90
N GLY B 257 1.55 -8.99 -15.88
CA GLY B 257 1.25 -7.57 -15.82
C GLY B 257 0.37 -7.12 -14.69
N GLY B 258 -0.55 -7.96 -14.26
CA GLY B 258 -1.59 -7.47 -13.36
C GLY B 258 -2.80 -7.03 -14.18
N GLY B 259 -2.66 -6.00 -14.99
CA GLY B 259 -3.83 -5.37 -15.59
C GLY B 259 -4.29 -5.81 -16.99
N GLY B 260 -4.57 -4.83 -17.86
CA GLY B 260 -4.85 -5.09 -19.27
C GLY B 260 -3.63 -5.02 -20.20
N GLN B 261 -2.46 -4.72 -19.63
CA GLN B 261 -1.21 -4.51 -20.39
C GLN B 261 -0.11 -5.48 -19.89
N PRO B 262 0.04 -6.61 -20.62
CA PRO B 262 0.98 -7.67 -20.26
C PRO B 262 2.43 -7.23 -20.15
N GLY B 263 3.11 -7.87 -19.21
CA GLY B 263 4.51 -7.62 -18.95
C GLY B 263 5.19 -8.84 -18.39
N TRP B 264 6.50 -8.80 -18.35
CA TRP B 264 7.25 -9.84 -17.65
C TRP B 264 8.54 -9.28 -17.11
N MET B 265 9.10 -10.02 -16.16
CA MET B 265 10.41 -9.78 -15.51
C MET B 265 11.48 -10.53 -16.26
N LEU B 266 12.43 -9.78 -16.80
CA LEU B 266 13.34 -10.27 -17.83
C LEU B 266 14.77 -10.18 -17.39
N LYS B 267 15.51 -11.27 -17.57
CA LYS B 267 16.95 -11.35 -17.25
C LYS B 267 17.74 -10.33 -18.04
N CYS B 268 18.72 -9.75 -17.35
CA CYS B 268 19.75 -8.96 -17.96
C CYS B 268 21.14 -9.54 -17.59
N LYS B 269 22.19 -9.02 -18.23
CA LYS B 269 23.54 -9.50 -17.98
C LYS B 269 23.89 -9.48 -16.51
N GLY B 270 24.40 -10.60 -16.03
CA GLY B 270 24.81 -10.69 -14.66
C GLY B 270 23.80 -11.34 -13.73
N TRP B 271 22.61 -11.66 -14.24
CA TRP B 271 21.56 -12.28 -13.43
C TRP B 271 21.94 -13.56 -12.66
N GLU B 272 22.92 -14.33 -13.15
CA GLU B 272 23.22 -15.60 -12.49
C GLU B 272 23.98 -15.31 -11.21
N THR B 273 24.68 -14.18 -11.11
CA THR B 273 25.27 -13.78 -9.80
C THR B 273 24.77 -12.45 -9.18
N ASP B 274 23.94 -11.73 -9.88
CA ASP B 274 23.38 -10.50 -9.34
C ASP B 274 21.85 -10.62 -9.30
N ALA B 275 21.32 -10.96 -8.14
CA ALA B 275 19.87 -11.13 -7.85
C ALA B 275 18.89 -10.05 -8.48
N ASP B 276 19.32 -8.77 -8.52
CA ASP B 276 18.52 -7.65 -8.96
C ASP B 276 18.82 -7.15 -10.39
N SER B 277 19.41 -8.00 -11.22
CA SER B 277 19.80 -7.56 -12.55
C SER B 277 18.77 -8.02 -13.55
N TYR B 278 17.66 -7.32 -13.53
CA TYR B 278 16.52 -7.66 -14.38
C TYR B 278 15.84 -6.37 -14.79
N VAL B 279 14.91 -6.50 -15.70
CA VAL B 279 14.13 -5.39 -16.17
C VAL B 279 12.69 -5.85 -16.24
N TYR B 280 11.74 -4.95 -16.05
CA TYR B 280 10.35 -5.24 -16.37
C TYR B 280 10.06 -4.50 -17.64
N PHE B 281 9.28 -5.17 -18.47
CA PHE B 281 9.09 -4.87 -19.89
C PHE B 281 7.62 -5.13 -20.18
N THR B 282 6.90 -4.03 -20.44
CA THR B 282 5.43 -3.99 -20.59
C THR B 282 5.10 -3.80 -22.08
N ILE B 283 4.34 -4.72 -22.63
CA ILE B 283 3.73 -4.54 -23.97
C ILE B 283 2.45 -3.67 -23.92
N ALA B 284 2.59 -2.36 -23.85
CA ALA B 284 1.45 -1.53 -24.19
C ALA B 284 0.90 -1.83 -25.63
N ALA B 285 -0.42 -1.73 -25.78
CA ALA B 285 -1.12 -1.97 -27.06
C ALA B 285 -0.63 -1.08 -28.24
N ASN B 286 -0.70 0.23 -27.97
CA ASN B 286 -0.32 1.31 -28.90
C ASN B 286 1.17 1.36 -29.33
N MET B 287 1.98 0.60 -28.60
CA MET B 287 3.43 0.69 -28.59
C MET B 287 4.00 -0.54 -29.29
N TRP B 288 3.15 -1.42 -29.78
CA TRP B 288 3.66 -2.60 -30.48
C TRP B 288 4.59 -2.28 -31.71
N PRO B 289 4.22 -1.29 -32.54
CA PRO B 289 5.11 -0.91 -33.66
C PRO B 289 6.55 -0.58 -33.21
N GLN B 290 6.66 0.33 -32.25
CA GLN B 290 7.94 0.74 -31.67
C GLN B 290 8.69 -0.48 -31.04
N ILE B 291 7.94 -1.41 -30.46
CA ILE B 291 8.54 -2.61 -29.86
C ILE B 291 9.11 -3.44 -30.99
N CYS B 292 8.39 -3.52 -32.09
CA CYS B 292 8.87 -4.25 -33.23
C CYS B 292 10.18 -3.66 -33.84
N ASP B 293 10.44 -2.34 -33.75
CA ASP B 293 11.72 -1.78 -34.29
C ASP B 293 12.92 -1.96 -33.33
N MET B 294 12.65 -1.87 -32.02
CA MET B 294 13.70 -2.01 -31.02
C MET B 294 14.23 -3.42 -31.13
N ILE B 295 13.29 -4.35 -31.34
CA ILE B 295 13.55 -5.77 -31.43
C ILE B 295 14.25 -6.14 -32.74
N ASP B 296 13.82 -5.47 -33.80
CA ASP B 296 14.16 -5.79 -35.18
C ASP B 296 13.53 -7.12 -35.60
N LYS B 297 12.22 -7.18 -35.33
CA LYS B 297 11.30 -8.14 -35.95
C LYS B 297 10.12 -7.37 -36.60
N PRO B 298 10.28 -6.90 -37.85
CA PRO B 298 9.23 -6.08 -38.52
C PRO B 298 8.09 -6.90 -39.13
N GLU B 299 8.23 -8.22 -39.16
CA GLU B 299 7.17 -9.12 -39.64
C GLU B 299 5.92 -9.01 -38.78
N TRP B 300 6.12 -8.63 -37.51
CA TRP B 300 5.06 -8.61 -36.51
C TRP B 300 4.16 -7.38 -36.56
N LYS B 301 4.50 -6.38 -37.38
CA LYS B 301 3.65 -5.19 -37.49
C LYS B 301 2.30 -5.50 -38.14
N ASP B 302 2.23 -6.47 -39.06
CA ASP B 302 0.98 -6.81 -39.79
C ASP B 302 0.47 -8.25 -39.59
N ASP B 303 1.31 -9.16 -39.06
CA ASP B 303 0.87 -10.52 -38.69
C ASP B 303 -0.21 -10.35 -37.59
N PRO B 304 -1.45 -10.77 -37.83
CA PRO B 304 -2.52 -10.53 -36.85
C PRO B 304 -2.46 -11.49 -35.63
N ALA B 305 -1.64 -12.53 -35.72
CA ALA B 305 -1.28 -13.35 -34.55
C ALA B 305 -0.36 -12.60 -33.55
N TYR B 306 0.10 -11.41 -33.96
CA TYR B 306 1.17 -10.67 -33.28
C TYR B 306 0.83 -9.20 -32.96
N ASN B 307 -0.01 -8.54 -33.79
CA ASN B 307 -0.24 -7.07 -33.72
C ASN B 307 -1.47 -6.59 -32.93
N THR B 308 -2.24 -7.52 -32.36
CA THR B 308 -3.43 -7.18 -31.54
C THR B 308 -3.31 -7.84 -30.20
N PHE B 309 -3.96 -7.27 -29.20
CA PHE B 309 -4.04 -7.90 -27.88
C PHE B 309 -4.59 -9.33 -28.00
N GLU B 310 -5.71 -9.48 -28.74
CA GLU B 310 -6.29 -10.81 -29.07
C GLU B 310 -5.30 -11.75 -29.78
N GLY B 311 -4.58 -11.25 -30.78
CA GLY B 311 -3.57 -12.02 -31.45
C GLY B 311 -2.48 -12.45 -30.49
N ARG B 312 -2.04 -11.49 -29.66
CA ARG B 312 -0.87 -11.63 -28.75
C ARG B 312 -1.05 -12.62 -27.59
N VAL B 313 -2.28 -12.74 -27.05
CA VAL B 313 -2.51 -13.48 -25.78
C VAL B 313 -2.74 -14.98 -25.95
N ASP B 314 -1.83 -15.61 -26.68
CA ASP B 314 -1.67 -17.07 -26.66
C ASP B 314 -0.21 -17.44 -26.96
N LYS B 315 0.59 -16.45 -27.36
CA LYS B 315 2.02 -16.62 -27.59
C LYS B 315 2.84 -15.72 -26.65
N LEU B 316 2.14 -14.90 -25.87
CA LEU B 316 2.74 -13.99 -24.91
C LEU B 316 4.09 -14.44 -24.27
N MET B 317 4.21 -15.70 -23.85
CA MET B 317 5.46 -16.14 -23.21
C MET B 317 6.59 -16.36 -24.23
N ASP B 318 6.29 -16.94 -25.38
CA ASP B 318 7.26 -17.02 -26.47
C ASP B 318 7.91 -15.66 -26.74
N ILE B 319 7.07 -14.63 -26.77
CA ILE B 319 7.44 -13.23 -27.06
C ILE B 319 8.40 -12.63 -26.01
N PHE B 320 8.03 -12.63 -24.76
CA PHE B 320 8.95 -12.25 -23.72
C PHE B 320 10.25 -13.05 -23.77
N SER B 321 10.15 -14.33 -24.08
CA SER B 321 11.30 -15.23 -24.12
C SER B 321 12.29 -14.80 -25.17
N PHE B 322 11.79 -14.13 -26.21
CA PHE B 322 12.62 -13.64 -27.29
C PHE B 322 13.13 -12.20 -27.13
N ILE B 323 12.40 -11.38 -26.40
CA ILE B 323 12.81 -10.03 -26.06
C ILE B 323 13.94 -10.16 -25.07
N GLU B 324 13.79 -11.11 -24.14
CA GLU B 324 14.82 -11.47 -23.15
C GLU B 324 16.20 -11.75 -23.76
N THR B 325 16.24 -12.27 -24.98
CA THR B 325 17.49 -12.71 -25.59
C THR B 325 18.28 -11.52 -26.07
N LYS B 326 17.54 -10.44 -26.28
CA LYS B 326 18.11 -9.21 -26.76
C LYS B 326 18.86 -8.53 -25.66
N PHE B 327 18.62 -8.95 -24.43
CA PHE B 327 19.15 -8.27 -23.25
C PHE B 327 20.25 -9.07 -22.53
N ALA B 328 20.61 -10.25 -23.06
CA ALA B 328 21.56 -11.15 -22.39
C ALA B 328 22.93 -10.55 -22.09
N ASP B 329 23.37 -9.60 -22.92
CA ASP B 329 24.74 -9.05 -22.89
C ASP B 329 24.81 -7.58 -22.48
N LYS B 330 23.65 -6.98 -22.23
CA LYS B 330 23.51 -5.59 -21.75
C LYS B 330 22.99 -5.60 -20.29
N ASP B 331 23.37 -4.61 -19.47
CA ASP B 331 22.76 -4.47 -18.14
C ASP B 331 21.42 -3.72 -18.16
N LYS B 332 20.61 -3.99 -17.13
CA LYS B 332 19.55 -3.12 -16.55
C LYS B 332 19.40 -1.73 -17.18
N PHE B 333 20.36 -0.87 -16.89
CA PHE B 333 20.30 0.53 -17.28
C PHE B 333 20.48 0.73 -18.78
N GLU B 334 21.39 -0.03 -19.37
CA GLU B 334 21.51 -0.04 -20.83
C GLU B 334 20.14 -0.39 -21.52
N VAL B 335 19.47 -1.41 -21.02
CA VAL B 335 18.27 -1.92 -21.65
C VAL B 335 17.19 -0.87 -21.55
N THR B 336 17.11 -0.24 -20.40
CA THR B 336 16.11 0.73 -20.08
C THR B 336 16.22 1.91 -20.98
N GLU B 337 17.46 2.39 -21.12
CA GLU B 337 17.77 3.53 -21.97
C GLU B 337 17.53 3.23 -23.43
N TRP B 338 17.74 2.00 -23.84
CA TRP B 338 17.48 1.59 -25.22
C TRP B 338 15.98 1.71 -25.46
N ALA B 339 15.23 1.25 -24.45
CA ALA B 339 13.77 1.23 -24.42
C ALA B 339 13.14 2.63 -24.27
N ALA B 340 13.79 3.57 -23.60
CA ALA B 340 13.26 4.93 -23.50
C ALA B 340 13.39 5.67 -24.87
N GLN B 341 14.33 5.22 -25.71
CA GLN B 341 14.56 5.78 -27.06
C GLN B 341 13.29 5.57 -27.92
N TYR B 342 12.45 4.61 -27.51
CA TYR B 342 11.21 4.30 -28.21
C TYR B 342 9.99 4.55 -27.33
N GLY B 343 10.10 5.39 -26.30
CA GLY B 343 9.06 5.48 -25.29
C GLY B 343 8.38 4.18 -24.85
N ILE B 344 9.11 3.06 -24.88
CA ILE B 344 8.62 1.77 -24.38
C ILE B 344 8.66 1.81 -22.86
N PRO B 345 7.56 1.39 -22.21
CA PRO B 345 7.51 1.27 -20.75
C PRO B 345 8.37 0.15 -20.15
N CYS B 346 9.65 0.44 -19.93
CA CYS B 346 10.58 -0.50 -19.37
C CYS B 346 11.51 0.16 -18.35
N GLY B 347 11.74 -0.54 -17.24
CA GLY B 347 12.59 -0.08 -16.16
C GLY B 347 13.32 -1.18 -15.39
N PRO B 348 14.34 -0.78 -14.66
CA PRO B 348 15.17 -1.73 -13.93
C PRO B 348 14.55 -2.15 -12.61
N VAL B 349 14.88 -3.34 -12.13
CA VAL B 349 14.68 -3.65 -10.74
C VAL B 349 15.76 -2.85 -9.95
N MET B 350 15.37 -1.88 -9.14
CA MET B 350 16.36 -1.20 -8.29
C MET B 350 16.57 -1.99 -7.03
N SER B 351 17.81 -2.14 -6.63
CA SER B 351 18.21 -2.93 -5.45
C SER B 351 18.10 -2.03 -4.30
N MET B 352 18.12 -2.56 -3.12
CA MET B 352 18.01 -1.65 -2.00
C MET B 352 19.30 -0.81 -1.86
N LYS B 353 20.45 -1.39 -2.15
CA LYS B 353 21.67 -0.58 -2.11
C LYS B 353 21.69 0.55 -3.19
N GLU B 354 21.11 0.29 -4.33
CA GLU B 354 21.12 1.30 -5.34
C GLU B 354 20.26 2.45 -4.86
N LEU B 355 19.19 2.12 -4.15
CA LEU B 355 18.16 3.08 -3.75
C LEU B 355 18.62 3.83 -2.52
N ALA B 356 19.37 3.15 -1.67
CA ALA B 356 19.82 3.79 -0.46
C ALA B 356 20.73 4.99 -0.77
N HIS B 357 21.44 4.95 -1.92
CA HIS B 357 22.48 5.96 -2.28
C HIS B 357 22.19 6.66 -3.58
N ASP B 358 21.03 6.41 -4.16
CA ASP B 358 20.58 7.14 -5.33
C ASP B 358 20.53 8.66 -5.09
N PRO B 359 21.17 9.45 -5.94
CA PRO B 359 21.18 10.91 -5.76
C PRO B 359 19.84 11.63 -6.03
N SER B 360 19.00 11.11 -6.92
CA SER B 360 17.71 11.74 -7.19
C SER B 360 16.77 11.66 -5.99
N LEU B 361 16.72 10.47 -5.39
CA LEU B 361 15.82 10.25 -4.29
C LEU B 361 16.24 11.12 -3.14
N GLN B 362 17.49 11.56 -3.09
CA GLN B 362 17.92 12.48 -2.01
C GLN B 362 17.59 13.95 -2.37
N LYS B 363 17.68 14.30 -3.65
CA LYS B 363 17.39 15.68 -4.09
C LYS B 363 15.88 16.06 -3.88
N VAL B 364 14.97 15.16 -4.26
CA VAL B 364 13.52 15.33 -4.09
C VAL B 364 13.02 15.05 -2.65
N GLY B 365 13.94 14.80 -1.73
CA GLY B 365 13.59 14.61 -0.34
C GLY B 365 12.87 13.32 0.04
N THR B 366 12.89 12.29 -0.82
CA THR B 366 12.26 11.00 -0.57
C THR B 366 13.14 10.01 0.20
N VAL B 367 14.47 10.10 0.02
CA VAL B 367 15.41 9.43 0.93
C VAL B 367 16.10 10.59 1.59
N VAL B 368 16.03 10.62 2.91
CA VAL B 368 16.49 11.75 3.66
C VAL B 368 17.45 11.29 4.70
N GLU B 369 18.53 12.06 4.87
CA GLU B 369 19.47 11.83 5.93
C GLU B 369 18.93 12.56 7.13
N VAL B 370 18.83 11.83 8.24
CA VAL B 370 18.37 12.37 9.50
C VAL B 370 19.55 12.66 10.37
N VAL B 371 19.62 13.88 10.87
CA VAL B 371 20.70 14.36 11.72
C VAL B 371 20.43 13.91 13.15
N ASP B 372 21.11 12.83 13.59
CA ASP B 372 20.90 12.20 14.91
C ASP B 372 22.22 12.16 15.68
N GLU B 373 22.48 13.25 16.38
CA GLU B 373 23.73 13.50 17.14
C GLU B 373 24.00 12.56 18.33
N ILE B 374 23.03 11.73 18.72
CA ILE B 374 23.20 10.76 19.80
C ILE B 374 23.45 9.32 19.30
N ARG B 375 22.75 8.87 18.26
CA ARG B 375 22.94 7.47 17.79
C ARG B 375 23.86 7.33 16.59
N GLY B 376 24.10 8.46 15.92
CA GLY B 376 24.58 8.49 14.54
C GLY B 376 23.47 8.78 13.51
N ASN B 377 23.80 9.57 12.51
CA ASN B 377 22.94 9.75 11.34
C ASN B 377 22.46 8.45 10.70
N HIS B 378 21.28 8.51 10.09
CA HIS B 378 20.74 7.37 9.35
C HIS B 378 19.85 7.91 8.32
N LEU B 379 19.62 7.10 7.30
CA LEU B 379 18.65 7.36 6.28
C LEU B 379 17.24 6.94 6.73
N THR B 380 16.24 7.51 6.06
CA THR B 380 14.82 7.10 6.19
C THR B 380 14.08 7.60 4.97
N VAL B 381 12.89 7.08 4.71
CA VAL B 381 12.02 7.57 3.63
C VAL B 381 11.23 8.76 4.19
N GLY B 382 11.10 9.86 3.45
CA GLY B 382 10.39 11.04 3.96
C GLY B 382 8.99 11.08 3.38
N ALA B 383 8.51 12.26 3.03
CA ALA B 383 7.12 12.38 2.54
C ALA B 383 7.00 12.01 1.07
N PRO B 384 6.22 10.97 0.77
CA PRO B 384 5.92 10.56 -0.60
C PRO B 384 4.99 11.51 -1.36
N PHE B 385 4.42 12.52 -0.68
CA PHE B 385 3.59 13.53 -1.33
C PHE B 385 4.45 14.79 -1.34
N LYS B 386 4.50 15.50 -2.47
CA LYS B 386 5.33 16.69 -2.56
C LYS B 386 4.37 17.85 -2.79
N PHE B 387 4.63 18.97 -2.10
CA PHE B 387 3.70 20.08 -1.97
C PHE B 387 4.35 21.38 -2.42
N SER B 388 3.65 22.22 -3.17
CA SER B 388 4.27 23.45 -3.58
C SER B 388 4.52 24.47 -2.46
N GLY B 389 3.95 24.30 -1.28
CA GLY B 389 3.98 25.35 -0.27
C GLY B 389 4.62 25.03 1.07
N PHE B 390 5.09 23.79 1.22
CA PHE B 390 5.98 23.49 2.32
C PHE B 390 6.79 22.23 2.08
N GLN B 391 7.84 22.10 2.89
CA GLN B 391 8.75 20.94 2.91
C GLN B 391 8.76 20.38 4.34
N PRO B 392 8.61 19.06 4.51
CA PRO B 392 8.79 18.45 5.83
C PRO B 392 10.17 18.66 6.44
N GLU B 393 10.21 18.70 7.75
CA GLU B 393 11.44 18.96 8.49
C GLU B 393 11.65 17.75 9.44
N ILE B 394 12.58 16.86 9.07
CA ILE B 394 12.72 15.58 9.76
C ILE B 394 13.75 15.66 10.85
N THR B 395 13.33 15.15 11.99
CA THR B 395 13.94 15.45 13.26
C THR B 395 13.96 14.12 13.99
N ARG B 396 15.01 13.84 14.72
CA ARG B 396 15.27 12.48 15.16
C ARG B 396 14.32 11.94 16.22
N ALA B 397 14.18 10.62 16.20
CA ALA B 397 13.37 9.88 17.15
C ALA B 397 13.81 10.13 18.58
N PRO B 398 12.87 10.07 19.52
CA PRO B 398 13.18 10.33 20.91
C PRO B 398 13.71 9.12 21.68
N LEU B 399 14.62 9.41 22.60
CA LEU B 399 15.07 8.48 23.59
C LEU B 399 13.90 8.16 24.47
N LEU B 400 13.87 6.95 25.04
CA LEU B 400 12.80 6.57 25.91
C LEU B 400 12.66 7.61 27.04
N GLY B 401 11.52 8.26 27.12
CA GLY B 401 11.20 9.09 28.25
C GLY B 401 11.87 10.44 28.18
N GLU B 402 12.37 10.79 27.00
CA GLU B 402 13.22 11.96 26.87
C GLU B 402 12.47 13.19 27.22
N HIS B 403 11.17 13.16 26.97
CA HIS B 403 10.34 14.35 27.00
C HIS B 403 9.28 14.33 28.12
N THR B 404 9.30 13.30 28.96
CA THR B 404 8.33 13.17 30.04
C THR B 404 8.06 14.48 30.81
N ASP B 405 9.10 14.95 31.52
CA ASP B 405 9.06 16.17 32.29
C ASP B 405 8.48 17.35 31.45
N GLU B 406 9.13 17.67 30.35
CA GLU B 406 8.72 18.71 29.40
C GLU B 406 7.19 18.71 29.16
N VAL B 407 6.63 17.52 29.04
CA VAL B 407 5.25 17.28 28.68
C VAL B 407 4.32 17.38 29.89
N LEU B 408 4.85 16.96 31.02
CA LEU B 408 4.17 17.20 32.27
C LEU B 408 4.06 18.72 32.55
N LYS B 409 5.10 19.48 32.19
CA LYS B 409 5.15 20.95 32.42
C LYS B 409 4.22 21.70 31.46
N GLU B 410 3.98 21.13 30.28
CA GLU B 410 2.98 21.65 29.33
C GLU B 410 1.54 21.37 29.79
N LEU B 411 1.38 20.34 30.64
CA LEU B 411 0.16 19.99 31.33
C LEU B 411 -0.06 20.82 32.61
N GLY B 412 0.69 21.92 32.79
CA GLY B 412 0.48 22.85 33.89
C GLY B 412 0.98 22.35 35.23
N LEU B 413 1.71 21.23 35.22
CA LEU B 413 2.20 20.63 36.46
C LEU B 413 3.41 21.35 37.01
N ASP B 414 3.64 21.01 38.28
CA ASP B 414 4.61 21.62 39.17
C ASP B 414 5.74 20.63 39.36
N ASP B 415 6.96 21.15 39.52
CA ASP B 415 8.19 20.34 39.55
C ASP B 415 8.32 19.41 40.77
N ALA B 416 7.46 19.61 41.76
CA ALA B 416 7.36 18.73 42.93
C ALA B 416 6.49 17.51 42.61
N LYS B 417 5.32 17.80 42.05
CA LYS B 417 4.44 16.78 41.49
C LYS B 417 5.22 15.83 40.54
N ILE B 418 6.00 16.42 39.63
CA ILE B 418 6.79 15.69 38.61
C ILE B 418 7.71 14.69 39.27
N LYS B 419 8.53 15.20 40.20
CA LYS B 419 9.50 14.36 40.89
C LYS B 419 8.81 13.34 41.81
N GLU B 420 7.57 13.62 42.21
CA GLU B 420 6.76 12.64 42.93
C GLU B 420 6.33 11.47 42.05
N LEU B 421 5.97 11.77 40.81
CA LEU B 421 5.49 10.76 39.88
C LEU B 421 6.62 9.79 39.49
N HIS B 422 7.81 10.35 39.23
CA HIS B 422 8.99 9.52 38.92
C HIS B 422 9.24 8.52 40.04
N ALA B 423 9.02 8.98 41.27
CA ALA B 423 9.28 8.23 42.50
C ALA B 423 8.19 7.22 42.78
N LYS B 424 6.95 7.65 42.53
CA LYS B 424 5.78 6.78 42.56
C LYS B 424 5.70 5.80 41.34
N GLN B 425 6.73 5.78 40.48
CA GLN B 425 6.93 4.79 39.41
C GLN B 425 5.78 4.78 38.41
N VAL B 426 5.21 5.95 38.18
CA VAL B 426 4.11 6.13 37.24
C VAL B 426 4.61 6.78 35.91
N VAL B 427 5.81 7.35 35.93
CA VAL B 427 6.30 8.10 34.80
C VAL B 427 7.81 7.78 34.63
#